data_7M5O
#
_entry.id   7M5O
#
_cell.length_a   1.00
_cell.length_b   1.00
_cell.length_c   1.00
_cell.angle_alpha   90.00
_cell.angle_beta   90.00
_cell.angle_gamma   90.00
#
_symmetry.space_group_name_H-M   'P 1'
#
loop_
_entity.id
_entity.type
_entity.pdbx_description
1 polymer CasPhi
2 polymer crRNA
3 non-polymer 'ZINC ION'
#
loop_
_entity_poly.entity_id
_entity_poly.type
_entity_poly.pdbx_seq_one_letter_code
_entity_poly.pdbx_strand_id
1 'polypeptide(L)'
;MPKPAVESEFSKVLKKHFPGERFRSSYMKRGGKILAAQGEEAVVAYLQGKSEEEPPNFQPPAKCHVVTKSRDFAEWPIMK
ASEAIQRYIYALSTTERAACKPGKSSESHAAWFAATGVSNHGYSHVQGLNLIFDHTLGRYDGVLKKVQLRNEKARARLES
INASRADEGLPEIKAEEEEVATNETGHLLQPPGINPSFYVYQTISPQAYRPRDEIVLPPEYAGYVRDPNAPIPLGVVRNR
CDIQKGCPGYIPEWQREAGTAISPKTGKAVTVPGLSPKKNKRMRRYWRSEKEKAQDALLVTVRIGTDWVVIDVRGLLRNA
RWRTIAPKDISLNALLDLFTGDPVIDVRRNIVTFTYTLDACGTYARKWTLKGKQTKATLDKLTATQTVALVAIDLGQTNP
ISAGISRVTQENGALQCEPLDRFTLPDDLLKDISAYRIAWDRNEEELRARSVEALPEAQQAEVRALDGVSKETARTQLCA
DFGLDPKRLPWDKMSSNTTFISEALLSNSVSRDQVFFTPAPKKGAKKKAPVEVMRKDRTWARAYKPRLSVEAQKLKNEAL
WALKRTSPEYLKLSRRKEELCRRSINYVIEKTRRRTQCQIVIPVIEDLNVRFFHGSGKRLPGWDNFFTAKKENRWFIQGL
HKAFSDLRTHRSFYVFEVRPERTSITCPKCGHCEVGNRDGEAFQCLSCGKTCNADLDVATHNLTQVALTGKTMPKREEPR
DAQGTAPARKTKKASKSKAPPAEREDQTPAQEPSQTSHHHHHH
;
A
2 'polyribonucleotide' CAACGAUUGCCCCUCACGAGGGGACAGCUGGUAAUGGGAUACCUU B
#
# COMPACT_ATOMS: atom_id res chain seq x y z
N GLU A 53 -13.60 18.07 20.11
CA GLU A 53 -14.73 17.35 19.51
C GLU A 53 -14.23 16.23 18.62
N GLU A 54 -12.92 16.21 18.34
CA GLU A 54 -12.29 15.21 17.48
C GLU A 54 -11.10 14.64 18.24
N PRO A 55 -11.33 13.67 19.13
CA PRO A 55 -10.24 13.15 19.94
C PRO A 55 -9.34 12.25 19.12
N PRO A 56 -8.03 12.25 19.39
CA PRO A 56 -7.13 11.34 18.67
C PRO A 56 -7.52 9.89 18.87
N ASN A 57 -7.44 9.12 17.78
CA ASN A 57 -7.70 7.68 17.83
C ASN A 57 -6.67 6.90 17.02
N PHE A 58 -5.46 7.45 16.90
CA PHE A 58 -4.38 6.77 16.20
C PHE A 58 -3.06 7.02 16.90
N GLN A 59 -2.27 5.98 17.07
CA GLN A 59 -0.96 6.07 17.71
C GLN A 59 0.07 5.46 16.78
N PRO A 60 1.06 6.22 16.30
CA PRO A 60 2.03 5.64 15.38
C PRO A 60 2.89 4.60 16.06
N PRO A 61 3.40 3.63 15.31
CA PRO A 61 4.34 2.65 15.89
C PRO A 61 5.79 3.09 15.77
N ALA A 62 6.61 2.60 16.70
CA ALA A 62 8.04 2.83 16.70
C ALA A 62 8.72 1.49 16.91
N LYS A 63 9.74 1.20 16.10
CA LYS A 63 10.40 -0.10 16.12
C LYS A 63 11.84 0.05 16.61
N CYS A 64 12.21 -0.79 17.58
CA CYS A 64 13.58 -0.91 18.05
C CYS A 64 14.01 -2.37 18.02
N HIS A 65 15.29 -2.61 18.33
CA HIS A 65 15.86 -3.94 18.31
C HIS A 65 15.95 -4.52 19.73
N VAL A 66 16.41 -5.77 19.78
CA VAL A 66 16.61 -6.49 21.04
C VAL A 66 18.06 -6.98 21.06
N VAL A 67 18.72 -6.81 22.21
CA VAL A 67 20.17 -6.98 22.28
C VAL A 67 20.53 -8.39 22.72
N THR A 68 20.07 -8.79 23.90
CA THR A 68 20.35 -10.13 24.41
C THR A 68 19.16 -10.62 25.20
N LYS A 69 18.97 -11.93 25.19
CA LYS A 69 17.88 -12.57 25.91
C LYS A 69 18.44 -13.39 27.07
N SER A 70 17.53 -13.80 27.96
CA SER A 70 17.91 -14.72 29.02
C SER A 70 18.15 -16.11 28.45
N ARG A 71 17.20 -16.64 27.70
CA ARG A 71 17.29 -17.95 27.09
C ARG A 71 16.31 -17.98 25.93
N ASP A 72 16.57 -18.88 24.98
CA ASP A 72 15.84 -18.87 23.72
C ASP A 72 14.35 -18.81 23.97
N PHE A 73 13.65 -18.00 23.17
CA PHE A 73 12.27 -17.64 23.47
C PHE A 73 11.39 -18.87 23.64
N ALA A 74 11.71 -19.98 22.97
CA ALA A 74 10.86 -21.16 23.10
C ALA A 74 10.75 -21.59 24.56
N GLU A 75 11.86 -21.54 25.30
CA GLU A 75 11.84 -21.90 26.71
C GLU A 75 11.01 -20.95 27.57
N TRP A 76 10.75 -19.73 27.10
CA TRP A 76 10.09 -18.75 27.94
C TRP A 76 8.75 -19.28 28.45
N PRO A 77 8.43 -19.12 29.74
CA PRO A 77 7.12 -19.55 30.22
C PRO A 77 5.97 -18.88 29.46
N ILE A 78 5.98 -17.54 29.45
CA ILE A 78 4.93 -16.80 28.75
C ILE A 78 4.77 -17.32 27.33
N MET A 79 5.88 -17.50 26.62
CA MET A 79 5.81 -17.85 25.20
C MET A 79 5.40 -19.30 25.03
N LYS A 80 6.05 -20.22 25.75
CA LYS A 80 5.69 -21.62 25.64
C LYS A 80 4.24 -21.85 26.06
N ALA A 81 3.81 -21.19 27.12
CA ALA A 81 2.41 -21.28 27.52
C ALA A 81 1.49 -20.75 26.43
N SER A 82 1.85 -19.60 25.86
CA SER A 82 1.02 -19.03 24.80
C SER A 82 1.01 -19.92 23.57
N GLU A 83 2.14 -20.57 23.27
CA GLU A 83 2.18 -21.48 22.13
C GLU A 83 1.22 -22.64 22.34
N ALA A 84 1.17 -23.18 23.56
CA ALA A 84 0.24 -24.27 23.85
C ALA A 84 -1.20 -23.81 23.68
N ILE A 85 -1.52 -22.62 24.17
CA ILE A 85 -2.88 -22.09 24.00
C ILE A 85 -3.18 -21.89 22.52
N GLN A 86 -2.23 -21.36 21.76
CA GLN A 86 -2.44 -21.17 20.33
C GLN A 86 -2.76 -22.50 19.66
N ARG A 87 -1.99 -23.54 19.95
CA ARG A 87 -2.23 -24.83 19.32
C ARG A 87 -3.61 -25.37 19.69
N TYR A 88 -3.97 -25.30 20.97
CA TYR A 88 -5.27 -25.82 21.40
C TYR A 88 -6.44 -25.06 20.80
N ILE A 89 -6.25 -23.82 20.39
CA ILE A 89 -7.37 -22.94 20.06
C ILE A 89 -7.50 -22.79 18.56
N TYR A 90 -6.37 -22.82 17.84
CA TYR A 90 -6.43 -22.70 16.39
C TYR A 90 -6.88 -23.97 15.69
N ALA A 91 -6.88 -25.11 16.39
CA ALA A 91 -7.51 -26.32 15.89
C ALA A 91 -8.82 -26.61 16.59
N LEU A 92 -9.32 -25.68 17.39
CA LEU A 92 -10.65 -25.77 17.94
C LEU A 92 -11.69 -25.37 16.89
N SER A 93 -12.89 -25.95 16.99
CA SER A 93 -13.92 -25.69 16.00
C SER A 93 -14.70 -24.42 16.35
N THR A 94 -15.72 -24.12 15.54
CA THR A 94 -16.43 -22.85 15.67
C THR A 94 -17.43 -22.87 16.82
N THR A 95 -18.21 -23.94 16.94
CA THR A 95 -19.38 -23.88 17.81
C THR A 95 -18.98 -23.81 19.28
N GLU A 96 -17.92 -24.51 19.67
CA GLU A 96 -17.49 -24.42 21.06
C GLU A 96 -16.99 -23.02 21.39
N ARG A 97 -16.36 -22.34 20.42
CA ARG A 97 -15.94 -20.97 20.66
C ARG A 97 -17.14 -20.08 20.96
N ALA A 98 -18.23 -20.26 20.21
CA ALA A 98 -19.45 -19.54 20.51
C ALA A 98 -19.82 -19.68 21.98
N ALA A 99 -19.81 -20.92 22.48
CA ALA A 99 -19.99 -21.13 23.90
C ALA A 99 -18.81 -20.60 24.70
N CYS A 100 -17.59 -20.80 24.19
CA CYS A 100 -16.41 -20.34 24.92
C CYS A 100 -16.49 -18.83 25.17
N LYS A 101 -16.17 -18.43 26.39
CA LYS A 101 -15.96 -17.03 26.72
C LYS A 101 -14.87 -16.97 27.78
N PRO A 102 -13.62 -16.71 27.39
CA PRO A 102 -12.56 -16.55 28.39
C PRO A 102 -12.73 -15.24 29.14
N GLY A 103 -12.96 -15.33 30.44
CA GLY A 103 -13.30 -14.16 31.21
C GLY A 103 -12.09 -13.27 31.46
N LYS A 104 -12.37 -11.98 31.64
CA LYS A 104 -11.29 -11.02 31.84
C LYS A 104 -10.58 -11.26 33.16
N SER A 105 -11.33 -11.53 34.23
CA SER A 105 -10.76 -11.69 35.55
C SER A 105 -9.82 -12.91 35.59
N SER A 106 -9.08 -13.01 36.69
CA SER A 106 -8.12 -14.10 36.84
C SER A 106 -8.76 -15.38 37.33
N GLU A 107 -9.78 -15.28 38.19
CA GLU A 107 -10.48 -16.48 38.63
C GLU A 107 -11.23 -17.13 37.47
N SER A 108 -11.75 -16.32 36.56
CA SER A 108 -12.35 -16.87 35.35
C SER A 108 -11.29 -17.49 34.46
N HIS A 109 -10.12 -16.85 34.36
CA HIS A 109 -9.00 -17.47 33.65
C HIS A 109 -8.70 -18.85 34.21
N ALA A 110 -8.62 -18.96 35.54
CA ALA A 110 -8.32 -20.26 36.14
C ALA A 110 -9.47 -21.23 35.93
N ALA A 111 -10.71 -20.75 36.04
CA ALA A 111 -11.85 -21.59 35.71
C ALA A 111 -11.77 -22.06 34.27
N TRP A 112 -11.29 -21.19 33.37
CA TRP A 112 -11.22 -21.55 31.96
C TRP A 112 -10.13 -22.59 31.73
N PHE A 113 -8.93 -22.36 32.26
CA PHE A 113 -7.86 -23.34 32.12
C PHE A 113 -8.23 -24.68 32.73
N ALA A 114 -9.20 -24.71 33.63
CA ALA A 114 -9.59 -25.95 34.28
C ALA A 114 -10.70 -26.66 33.53
N ALA A 115 -11.65 -25.92 32.96
CA ALA A 115 -12.75 -26.53 32.24
C ALA A 115 -12.32 -27.11 30.90
N THR A 116 -11.18 -26.67 30.36
CA THR A 116 -10.65 -27.26 29.14
C THR A 116 -9.39 -28.10 29.35
N GLY A 117 -8.67 -27.88 30.44
CA GLY A 117 -7.57 -28.74 30.83
C GLY A 117 -6.22 -28.33 30.29
N VAL A 118 -6.16 -27.36 29.38
CA VAL A 118 -4.87 -26.86 28.91
C VAL A 118 -4.17 -26.18 30.08
N SER A 119 -2.86 -26.37 30.17
CA SER A 119 -2.11 -25.87 31.31
C SER A 119 -1.42 -24.56 30.99
N ASN A 120 -1.25 -23.75 32.03
CA ASN A 120 -0.41 -22.57 32.04
C ASN A 120 0.79 -22.89 32.91
N HIS A 121 2.00 -22.81 32.34
CA HIS A 121 3.18 -23.38 32.97
C HIS A 121 3.67 -22.47 34.10
N GLY A 122 2.79 -22.28 35.08
CA GLY A 122 3.09 -21.48 36.25
C GLY A 122 2.78 -20.01 36.11
N TYR A 123 2.10 -19.61 35.04
CA TYR A 123 1.89 -18.20 34.73
C TYR A 123 0.40 -17.90 34.77
N SER A 124 -0.06 -17.36 35.89
CA SER A 124 -1.42 -16.83 35.99
C SER A 124 -1.29 -15.37 36.40
N HIS A 125 -1.18 -14.50 35.39
CA HIS A 125 -1.09 -13.06 35.60
C HIS A 125 -2.47 -12.44 35.41
N VAL A 126 -3.00 -11.80 36.45
CA VAL A 126 -4.28 -11.12 36.31
C VAL A 126 -4.08 -9.94 35.38
N GLN A 127 -4.72 -9.99 34.22
CA GLN A 127 -4.74 -8.98 33.17
C GLN A 127 -3.44 -8.92 32.38
N GLY A 128 -2.42 -9.68 32.76
CA GLY A 128 -1.31 -9.91 31.84
C GLY A 128 -1.71 -10.83 30.71
N LEU A 129 -2.44 -11.90 31.03
CA LEU A 129 -2.79 -12.90 30.04
C LEU A 129 -3.82 -12.37 29.06
N ASN A 130 -4.77 -11.58 29.56
CA ASN A 130 -5.94 -11.16 28.79
C ASN A 130 -5.58 -10.74 27.38
N LEU A 131 -4.45 -10.03 27.22
CA LEU A 131 -4.02 -9.63 25.88
C LEU A 131 -3.82 -10.85 24.98
N ILE A 132 -3.10 -11.86 25.46
CA ILE A 132 -2.85 -13.04 24.64
C ILE A 132 -4.16 -13.69 24.23
N PHE A 133 -5.10 -13.80 25.17
CA PHE A 133 -6.39 -14.42 24.85
C PHE A 133 -7.15 -13.60 23.83
N ASP A 134 -7.18 -12.28 23.99
CA ASP A 134 -8.00 -11.46 23.10
C ASP A 134 -7.44 -11.46 21.69
N HIS A 135 -6.12 -11.37 21.55
CA HIS A 135 -5.53 -11.42 20.21
C HIS A 135 -5.68 -12.79 19.57
N THR A 136 -5.64 -13.86 20.37
CA THR A 136 -5.81 -15.20 19.81
C THR A 136 -7.22 -15.37 19.24
N LEU A 137 -8.24 -14.97 19.99
CA LEU A 137 -9.59 -14.94 19.45
C LEU A 137 -9.68 -13.99 18.26
N GLY A 138 -8.88 -12.93 18.26
CA GLY A 138 -8.90 -11.99 17.16
C GLY A 138 -8.37 -12.61 15.88
N ARG A 139 -7.20 -13.25 15.96
CA ARG A 139 -6.67 -13.91 14.77
C ARG A 139 -7.59 -15.02 14.31
N TYR A 140 -8.17 -15.77 15.26
CA TYR A 140 -9.00 -16.91 14.87
C TYR A 140 -10.24 -16.44 14.12
N ASP A 141 -10.91 -15.41 14.64
CA ASP A 141 -12.09 -14.92 13.96
C ASP A 141 -11.73 -14.17 12.68
N GLY A 142 -10.51 -13.66 12.59
CA GLY A 142 -10.09 -13.01 11.36
C GLY A 142 -9.92 -13.99 10.21
N VAL A 143 -9.44 -15.20 10.49
CA VAL A 143 -9.19 -16.14 9.41
C VAL A 143 -10.47 -16.64 8.76
N LEU A 144 -11.64 -16.28 9.29
CA LEU A 144 -12.89 -16.44 8.56
C LEU A 144 -13.46 -15.13 8.08
N LYS A 145 -13.28 -14.05 8.85
CA LYS A 145 -13.68 -12.73 8.38
C LYS A 145 -12.90 -12.36 7.11
N LYS A 146 -11.62 -12.69 7.09
CA LYS A 146 -10.79 -12.37 5.92
C LYS A 146 -11.17 -13.23 4.73
N VAL A 147 -11.72 -14.41 4.96
CA VAL A 147 -12.22 -15.21 3.84
C VAL A 147 -13.58 -14.69 3.39
N GLN A 148 -14.44 -14.29 4.32
CA GLN A 148 -15.75 -13.76 3.95
C GLN A 148 -15.61 -12.51 3.10
N LEU A 149 -14.70 -11.61 3.48
CA LEU A 149 -14.44 -10.44 2.65
C LEU A 149 -13.88 -10.84 1.29
N ARG A 150 -13.02 -11.85 1.26
CA ARG A 150 -12.46 -12.32 0.00
C ARG A 150 -13.57 -12.76 -0.94
N ASN A 151 -14.51 -13.56 -0.44
CA ASN A 151 -15.62 -14.02 -1.27
C ASN A 151 -16.49 -12.86 -1.72
N GLU A 152 -16.75 -11.91 -0.83
CA GLU A 152 -17.55 -10.75 -1.22
C GLU A 152 -16.87 -9.95 -2.32
N LYS A 153 -15.53 -9.82 -2.23
CA LYS A 153 -14.80 -9.16 -3.31
C LYS A 153 -14.98 -9.90 -4.63
N ALA A 154 -14.86 -11.23 -4.60
CA ALA A 154 -15.10 -12.01 -5.82
C ALA A 154 -16.52 -11.80 -6.32
N ARG A 155 -17.50 -11.78 -5.41
CA ARG A 155 -18.87 -11.56 -5.81
C ARG A 155 -19.04 -10.21 -6.49
N ALA A 156 -18.44 -9.17 -5.93
CA ALA A 156 -18.55 -7.85 -6.54
C ALA A 156 -17.88 -7.83 -7.91
N ARG A 157 -16.71 -8.46 -8.03
CA ARG A 157 -16.07 -8.57 -9.34
C ARG A 157 -16.96 -9.34 -10.30
N LEU A 158 -17.57 -10.43 -9.84
CA LEU A 158 -18.44 -11.22 -10.71
C LEU A 158 -19.63 -10.40 -11.17
N GLU A 159 -20.25 -9.65 -10.25
CA GLU A 159 -21.35 -8.78 -10.62
C GLU A 159 -20.92 -7.75 -11.66
N SER A 160 -19.74 -7.16 -11.46
CA SER A 160 -19.27 -6.13 -12.38
C SER A 160 -19.09 -6.70 -13.79
N ILE A 161 -18.48 -7.88 -13.89
CA ILE A 161 -18.30 -8.49 -15.20
C ILE A 161 -19.65 -8.87 -15.79
N ASN A 162 -20.59 -9.34 -14.95
CA ASN A 162 -21.92 -9.66 -15.43
C ASN A 162 -22.60 -8.42 -16.02
N ALA A 163 -22.51 -7.29 -15.33
CA ALA A 163 -23.07 -6.05 -15.87
C ALA A 163 -22.41 -5.71 -17.20
N SER A 164 -21.09 -5.85 -17.28
CA SER A 164 -20.38 -5.64 -18.53
C SER A 164 -20.83 -6.64 -19.59
N ARG A 165 -21.00 -7.90 -19.20
CA ARG A 165 -21.22 -8.97 -20.17
C ARG A 165 -22.68 -9.01 -20.63
N ALA A 166 -23.61 -9.17 -19.70
CA ALA A 166 -25.02 -9.29 -20.04
C ALA A 166 -25.55 -8.02 -20.67
N ASP A 167 -24.71 -7.00 -20.76
CA ASP A 167 -24.98 -5.79 -21.54
C ASP A 167 -24.24 -5.82 -22.87
N GLU A 168 -22.97 -6.23 -22.87
CA GLU A 168 -22.21 -6.26 -24.12
C GLU A 168 -22.76 -7.30 -25.08
N GLY A 169 -23.19 -8.45 -24.56
CA GLY A 169 -23.86 -9.41 -25.41
C GLY A 169 -23.41 -10.85 -25.29
N LEU A 170 -22.36 -11.11 -24.53
CA LEU A 170 -21.82 -12.46 -24.50
C LEU A 170 -22.49 -13.31 -23.42
N PRO A 171 -22.15 -14.60 -23.32
CA PRO A 171 -22.72 -15.42 -22.27
C PRO A 171 -22.36 -14.90 -20.89
N GLU A 172 -23.36 -14.90 -20.00
CA GLU A 172 -23.20 -14.38 -18.65
C GLU A 172 -23.05 -15.56 -17.70
N ILE A 173 -21.92 -15.62 -17.02
CA ILE A 173 -21.64 -16.74 -16.13
C ILE A 173 -22.67 -16.74 -15.02
N LYS A 174 -23.47 -17.81 -14.96
CA LYS A 174 -24.47 -17.96 -13.91
C LYS A 174 -23.90 -17.59 -12.55
N ALA A 175 -22.76 -18.17 -12.20
CA ALA A 175 -22.14 -17.92 -10.92
C ALA A 175 -20.77 -18.59 -10.91
N GLU A 176 -20.06 -18.40 -9.80
CA GLU A 176 -18.77 -19.02 -9.56
C GLU A 176 -18.82 -19.63 -8.17
N GLU A 177 -18.23 -20.81 -8.01
CA GLU A 177 -18.53 -21.63 -6.85
C GLU A 177 -18.03 -20.95 -5.58
N GLU A 178 -18.86 -20.98 -4.55
CA GLU A 178 -18.56 -20.23 -3.32
C GLU A 178 -17.34 -20.81 -2.63
N GLU A 179 -16.45 -19.93 -2.20
CA GLU A 179 -15.20 -20.32 -1.56
C GLU A 179 -15.31 -20.13 -0.06
N VAL A 180 -15.22 -21.24 0.68
CA VAL A 180 -15.22 -21.20 2.14
C VAL A 180 -14.09 -22.09 2.64
N ALA A 181 -13.54 -21.71 3.80
CA ALA A 181 -12.48 -22.49 4.43
C ALA A 181 -12.93 -23.20 5.70
N THR A 182 -14.10 -22.85 6.23
CA THR A 182 -14.66 -23.55 7.38
C THR A 182 -15.22 -24.91 6.97
N ASN A 183 -14.79 -25.96 7.65
CA ASN A 183 -15.36 -27.27 7.45
C ASN A 183 -16.64 -27.42 8.26
N GLU A 184 -17.42 -28.47 7.93
CA GLU A 184 -18.73 -28.62 8.53
C GLU A 184 -18.64 -28.75 10.04
N THR A 185 -17.71 -29.57 10.53
CA THR A 185 -17.53 -29.67 11.97
C THR A 185 -17.09 -28.34 12.57
N GLY A 186 -16.21 -27.63 11.89
CA GLY A 186 -15.76 -26.32 12.34
C GLY A 186 -14.24 -26.19 12.38
N HIS A 187 -13.55 -27.27 12.05
CA HIS A 187 -12.11 -27.21 11.86
C HIS A 187 -11.78 -26.28 10.70
N LEU A 188 -10.67 -25.56 10.82
CA LEU A 188 -10.31 -24.50 9.88
C LEU A 188 -9.04 -24.90 9.14
N LEU A 189 -9.20 -25.27 7.86
CA LEU A 189 -8.06 -25.52 7.01
C LEU A 189 -7.38 -24.20 6.66
N GLN A 190 -6.10 -24.28 6.30
CA GLN A 190 -5.29 -23.08 6.20
C GLN A 190 -5.33 -22.36 7.54
N PRO A 191 -5.04 -23.06 8.63
CA PRO A 191 -5.20 -22.45 9.95
C PRO A 191 -4.08 -21.45 10.23
N PRO A 192 -4.33 -20.45 11.08
CA PRO A 192 -3.29 -19.45 11.34
C PRO A 192 -2.17 -20.04 12.18
N GLY A 193 -0.96 -19.97 11.65
CA GLY A 193 0.18 -20.60 12.28
C GLY A 193 0.60 -19.92 13.57
N ILE A 194 1.49 -20.60 14.29
CA ILE A 194 2.03 -20.05 15.53
C ILE A 194 2.67 -18.71 15.23
N ASN A 195 2.39 -17.71 16.07
CA ASN A 195 2.86 -16.36 15.85
C ASN A 195 3.87 -15.95 16.90
N PRO A 196 4.73 -14.97 16.60
CA PRO A 196 5.78 -14.57 17.54
C PRO A 196 5.42 -13.42 18.46
N SER A 197 4.18 -12.94 18.44
CA SER A 197 3.82 -11.78 19.25
C SER A 197 3.95 -12.11 20.73
N PHE A 198 4.63 -11.23 21.47
CA PHE A 198 4.74 -11.32 22.92
C PHE A 198 4.34 -9.97 23.50
N TYR A 199 3.06 -9.82 23.81
CA TYR A 199 2.55 -8.58 24.37
C TYR A 199 3.11 -8.36 25.78
N VAL A 200 3.46 -7.12 26.08
CA VAL A 200 3.89 -6.72 27.40
C VAL A 200 2.89 -5.72 27.94
N TYR A 201 2.78 -5.67 29.27
CA TYR A 201 1.70 -4.94 29.93
C TYR A 201 2.27 -3.94 30.92
N GLN A 202 1.40 -3.02 31.35
CA GLN A 202 1.80 -1.92 32.22
C GLN A 202 2.68 -2.41 33.37
N THR A 203 2.25 -3.47 34.07
CA THR A 203 2.98 -3.93 35.24
C THR A 203 4.35 -4.50 34.91
N ILE A 204 4.71 -4.57 33.62
CA ILE A 204 5.98 -5.09 33.18
C ILE A 204 6.72 -4.12 32.26
N SER A 205 6.18 -2.93 32.03
CA SER A 205 6.63 -2.11 30.93
C SER A 205 8.11 -1.76 31.10
N PRO A 206 8.82 -1.53 29.99
CA PRO A 206 10.27 -1.44 30.05
C PRO A 206 10.74 -0.29 30.93
N GLN A 207 11.91 -0.47 31.54
CA GLN A 207 12.47 0.51 32.46
C GLN A 207 13.98 0.51 32.30
N ALA A 208 14.58 1.63 32.70
CA ALA A 208 15.99 1.88 32.43
C ALA A 208 16.86 0.79 33.03
N TYR A 209 17.83 0.33 32.25
CA TYR A 209 18.64 -0.84 32.61
C TYR A 209 19.63 -0.47 33.70
N ARG A 210 19.24 -0.72 34.95
CA ARG A 210 20.17 -0.67 36.06
C ARG A 210 21.00 -1.94 36.09
N PRO A 211 22.16 -1.92 36.74
CA PRO A 211 23.03 -3.11 36.72
C PRO A 211 22.62 -4.10 37.80
N ARG A 212 22.49 -5.36 37.40
CA ARG A 212 22.07 -6.43 38.32
C ARG A 212 22.83 -7.69 37.95
N ASP A 213 23.66 -8.18 38.88
CA ASP A 213 24.53 -9.31 38.59
C ASP A 213 23.82 -10.45 37.88
N GLU A 214 22.53 -10.65 38.18
CA GLU A 214 21.78 -11.67 37.45
C GLU A 214 21.69 -11.34 35.96
N ILE A 215 21.54 -10.06 35.64
CA ILE A 215 21.47 -9.62 34.25
C ILE A 215 22.88 -9.57 33.70
N VAL A 216 23.16 -10.42 32.71
CA VAL A 216 24.48 -10.57 32.14
C VAL A 216 24.40 -10.25 30.66
N LEU A 217 25.24 -9.35 30.21
CA LEU A 217 25.26 -8.89 28.83
C LEU A 217 26.35 -9.60 28.05
N PRO A 218 26.25 -9.64 26.74
CA PRO A 218 27.33 -10.19 25.93
C PRO A 218 28.63 -9.47 26.20
N PRO A 219 29.78 -10.07 25.86
CA PRO A 219 31.06 -9.50 26.30
C PRO A 219 31.30 -8.09 25.78
N GLU A 220 30.60 -7.66 24.73
CA GLU A 220 30.89 -6.34 24.16
C GLU A 220 30.40 -5.22 25.07
N TYR A 221 29.25 -5.41 25.72
CA TYR A 221 28.74 -4.44 26.70
C TYR A 221 29.43 -4.66 28.05
N ALA A 222 30.75 -4.55 28.05
CA ALA A 222 31.51 -4.92 29.25
C ALA A 222 31.28 -3.91 30.37
N GLY A 223 31.64 -2.65 30.12
CA GLY A 223 31.31 -1.59 31.05
C GLY A 223 30.18 -0.72 30.53
N TYR A 224 28.98 -0.85 31.11
CA TYR A 224 27.84 -0.03 30.71
C TYR A 224 27.32 0.73 31.92
N VAL A 225 27.55 2.04 31.92
CA VAL A 225 26.94 2.95 32.90
C VAL A 225 26.09 3.96 32.15
N ARG A 226 24.90 4.23 32.67
CA ARG A 226 24.01 5.21 32.05
C ARG A 226 23.05 5.75 33.12
N ASP A 227 23.24 7.01 33.51
CA ASP A 227 22.37 7.62 34.49
C ASP A 227 20.96 7.71 33.91
N PRO A 228 20.00 6.94 34.42
CA PRO A 228 18.68 6.88 33.78
C PRO A 228 17.96 8.22 33.73
N ASN A 229 18.30 9.16 34.60
CA ASN A 229 17.63 10.46 34.62
C ASN A 229 18.43 11.55 33.94
N ALA A 230 19.57 11.22 33.36
CA ALA A 230 20.42 12.23 32.74
C ALA A 230 19.92 12.57 31.35
N PRO A 231 20.33 13.71 30.81
CA PRO A 231 19.94 14.08 29.45
C PRO A 231 20.86 13.40 28.44
N ILE A 232 20.27 12.64 27.53
CA ILE A 232 21.03 11.80 26.63
C ILE A 232 21.80 12.71 25.68
N PRO A 233 23.11 12.59 25.58
CA PRO A 233 23.88 13.53 24.77
C PRO A 233 23.60 13.36 23.29
N LEU A 234 24.00 14.36 22.52
CA LEU A 234 23.84 14.33 21.08
C LEU A 234 24.99 13.53 20.46
N GLY A 235 24.66 12.65 19.53
CA GLY A 235 25.63 11.67 19.08
C GLY A 235 26.78 12.28 18.30
N VAL A 236 26.49 12.84 17.14
CA VAL A 236 27.54 13.43 16.32
C VAL A 236 27.94 14.77 16.90
N VAL A 237 29.20 15.15 16.64
CA VAL A 237 29.66 16.49 16.97
C VAL A 237 28.93 17.51 16.10
N ARG A 238 28.89 18.75 16.59
CA ARG A 238 28.08 19.77 15.93
C ARG A 238 28.64 20.10 14.55
N ASN A 239 29.94 20.30 14.46
CA ASN A 239 30.61 20.59 13.20
C ASN A 239 31.37 19.34 12.78
N ARG A 240 30.90 18.67 11.74
CA ARG A 240 31.41 17.36 11.35
C ARG A 240 32.72 17.44 10.58
N CYS A 241 33.27 18.64 10.39
CA CYS A 241 34.55 18.79 9.71
C CYS A 241 35.73 18.80 10.66
N ASP A 242 35.51 18.55 11.95
CA ASP A 242 36.60 18.62 12.93
C ASP A 242 37.26 17.27 13.17
N ILE A 243 36.52 16.16 13.05
CA ILE A 243 37.08 14.85 13.31
C ILE A 243 38.41 14.72 12.57
N GLN A 244 39.42 14.21 13.25
CA GLN A 244 40.74 14.08 12.67
C GLN A 244 40.84 12.81 11.84
N LYS A 245 42.03 12.59 11.26
CA LYS A 245 42.21 11.49 10.31
C LYS A 245 41.88 10.14 10.95
N GLY A 246 42.49 9.84 12.09
CA GLY A 246 42.38 8.50 12.65
C GLY A 246 40.99 8.18 13.16
N CYS A 247 40.38 9.12 13.89
CA CYS A 247 39.15 8.83 14.59
C CYS A 247 38.04 8.50 13.60
N PRO A 248 37.09 7.66 13.99
CA PRO A 248 36.01 7.29 13.06
C PRO A 248 35.09 8.46 12.80
N GLY A 249 34.43 8.41 11.64
CA GLY A 249 33.59 9.51 11.22
C GLY A 249 34.34 10.64 10.55
N TYR A 250 35.51 10.36 10.00
CA TYR A 250 36.36 11.40 9.42
C TYR A 250 35.95 11.61 7.97
N ILE A 251 35.39 12.78 7.69
CA ILE A 251 34.90 13.13 6.35
C ILE A 251 36.06 13.61 5.50
N PRO A 252 36.39 12.92 4.41
CA PRO A 252 37.57 13.29 3.62
C PRO A 252 37.39 14.63 2.92
N GLU A 253 38.52 15.30 2.70
CA GLU A 253 38.52 16.67 2.22
C GLU A 253 37.60 16.89 1.03
N TRP A 254 37.34 15.86 0.23
CA TRP A 254 36.65 16.03 -1.04
C TRP A 254 35.16 15.71 -0.94
N GLN A 255 34.60 15.73 0.27
CA GLN A 255 33.16 15.71 0.46
C GLN A 255 32.64 17.01 1.05
N ARG A 256 33.52 17.92 1.43
CA ARG A 256 33.18 19.32 1.70
C ARG A 256 33.19 20.11 0.39
N GLU A 257 32.66 21.32 0.44
CA GLU A 257 32.77 22.25 -0.67
C GLU A 257 32.35 21.58 -1.98
N ALA A 258 31.09 21.17 -2.04
CA ALA A 258 30.61 20.28 -3.09
C ALA A 258 31.15 20.68 -4.45
N GLY A 259 31.64 19.67 -5.18
CA GLY A 259 32.35 19.88 -6.41
C GLY A 259 32.29 18.63 -7.26
N THR A 260 33.04 18.65 -8.36
CA THR A 260 33.15 17.52 -9.25
C THR A 260 34.62 17.22 -9.48
N ALA A 261 35.01 15.96 -9.30
CA ALA A 261 36.41 15.57 -9.35
C ALA A 261 36.53 14.15 -9.87
N ILE A 262 37.73 13.82 -10.34
CA ILE A 262 38.02 12.52 -10.95
C ILE A 262 38.86 11.71 -9.96
N SER A 263 38.43 10.47 -9.70
CA SER A 263 39.10 9.65 -8.70
C SER A 263 40.54 9.33 -9.14
N PRO A 264 41.43 9.10 -8.20
CA PRO A 264 42.82 8.78 -8.58
C PRO A 264 42.97 7.52 -9.41
N LYS A 265 42.24 6.45 -9.08
CA LYS A 265 42.55 5.15 -9.66
C LYS A 265 42.32 5.13 -11.16
N THR A 266 41.16 5.62 -11.62
CA THR A 266 40.87 5.67 -13.05
C THR A 266 40.37 7.03 -13.53
N GLY A 267 40.14 7.99 -12.64
CA GLY A 267 39.71 9.30 -13.05
C GLY A 267 38.26 9.39 -13.49
N LYS A 268 37.43 8.42 -13.11
CA LYS A 268 36.01 8.50 -13.43
C LYS A 268 35.40 9.73 -12.76
N ALA A 269 34.63 10.49 -13.52
CA ALA A 269 34.03 11.71 -13.00
C ALA A 269 33.03 11.36 -11.89
N VAL A 270 33.21 11.99 -10.72
CA VAL A 270 32.33 11.77 -9.58
C VAL A 270 32.02 13.11 -8.95
N THR A 271 30.74 13.45 -8.84
CA THR A 271 30.32 14.65 -8.14
C THR A 271 30.11 14.34 -6.67
N VAL A 272 29.70 15.35 -5.91
CA VAL A 272 29.35 15.16 -4.50
C VAL A 272 28.46 16.33 -4.07
N PRO A 273 27.29 16.09 -3.49
CA PRO A 273 26.44 17.21 -3.07
C PRO A 273 27.01 18.01 -1.92
N GLY A 274 28.09 17.55 -1.29
CA GLY A 274 28.67 18.27 -0.17
C GLY A 274 27.96 17.94 1.13
N LEU A 275 28.47 18.55 2.21
CA LEU A 275 27.74 18.52 3.46
C LEU A 275 26.34 19.11 3.24
N SER A 276 25.34 18.44 3.78
CA SER A 276 23.97 18.83 3.48
C SER A 276 23.66 20.15 4.16
N PRO A 277 23.24 21.20 3.41
CA PRO A 277 22.86 22.47 4.05
C PRO A 277 21.42 22.47 4.53
N LYS A 278 21.07 21.47 5.32
CA LYS A 278 19.72 21.31 5.84
C LYS A 278 19.78 21.19 7.35
N LYS A 279 18.69 21.55 8.01
CA LYS A 279 18.67 21.75 9.45
C LYS A 279 18.06 20.59 10.22
N ASN A 280 17.38 19.66 9.55
CA ASN A 280 16.55 18.66 10.21
C ASN A 280 16.86 17.27 9.64
N LYS A 281 18.14 16.96 9.52
CA LYS A 281 18.61 15.72 8.91
C LYS A 281 19.25 14.84 9.97
N ARG A 282 18.74 13.62 10.13
CA ARG A 282 19.33 12.64 11.02
C ARG A 282 20.83 12.52 10.77
N MET A 283 21.59 12.49 11.85
CA MET A 283 23.04 12.38 11.78
C MET A 283 23.49 10.95 12.07
N ARG A 284 24.44 10.47 11.28
CA ARG A 284 24.95 9.10 11.39
C ARG A 284 26.29 9.11 12.12
N ARG A 285 26.39 8.31 13.18
CA ARG A 285 27.57 8.27 14.04
C ARG A 285 28.35 6.99 13.80
N TYR A 286 29.67 7.07 13.93
CA TYR A 286 30.57 6.00 13.54
C TYR A 286 31.59 5.76 14.65
N TRP A 287 31.64 4.53 15.15
CA TRP A 287 32.59 4.10 16.15
C TRP A 287 33.65 3.20 15.53
N ARG A 288 34.81 3.16 16.18
CA ARG A 288 35.93 2.39 15.65
C ARG A 288 35.64 0.90 15.68
N SER A 289 35.00 0.41 16.75
CA SER A 289 34.83 -1.01 16.97
C SER A 289 33.46 -1.27 17.58
N GLU A 290 33.09 -2.56 17.64
CA GLU A 290 31.77 -2.95 18.08
C GLU A 290 31.59 -2.85 19.58
N LYS A 291 32.69 -2.82 20.34
CA LYS A 291 32.57 -2.59 21.78
C LYS A 291 32.39 -1.12 22.07
N GLU A 292 33.07 -0.26 21.31
CA GLU A 292 32.79 1.17 21.37
C GLU A 292 31.35 1.44 20.98
N LYS A 293 30.82 0.66 20.03
CA LYS A 293 29.39 0.69 19.73
C LYS A 293 28.56 0.35 20.96
N ALA A 294 29.01 -0.63 21.74
CA ALA A 294 28.16 -1.21 22.76
C ALA A 294 27.93 -0.24 23.91
N GLN A 295 29.00 0.41 24.39
CA GLN A 295 28.88 1.21 25.59
C GLN A 295 28.03 2.46 25.35
N ASP A 296 27.76 2.81 24.10
CA ASP A 296 26.97 3.99 23.77
C ASP A 296 25.56 3.63 23.32
N ALA A 297 24.98 2.57 23.90
CA ALA A 297 23.63 2.14 23.56
C ALA A 297 22.63 2.64 24.60
N LEU A 298 21.35 2.36 24.36
CA LEU A 298 20.26 2.69 25.27
C LEU A 298 19.56 1.39 25.65
N LEU A 299 19.97 0.79 26.75
CA LEU A 299 19.44 -0.50 27.18
C LEU A 299 18.30 -0.31 28.18
N VAL A 300 17.19 -1.00 27.92
CA VAL A 300 16.10 -1.11 28.90
C VAL A 300 15.76 -2.58 29.05
N THR A 301 15.23 -2.95 30.21
CA THR A 301 14.88 -4.31 30.54
C THR A 301 13.37 -4.47 30.69
N VAL A 302 12.92 -5.72 30.64
CA VAL A 302 11.55 -6.10 30.98
C VAL A 302 11.64 -7.32 31.89
N ARG A 303 11.10 -7.20 33.10
CA ARG A 303 11.29 -8.20 34.15
C ARG A 303 9.99 -8.92 34.42
N ILE A 304 9.97 -10.23 34.14
CA ILE A 304 8.83 -11.09 34.45
C ILE A 304 9.37 -12.37 35.06
N GLY A 305 9.09 -12.59 36.34
CA GLY A 305 9.44 -13.81 37.04
C GLY A 305 10.87 -14.26 36.81
N THR A 306 11.83 -13.35 36.96
CA THR A 306 13.25 -13.63 36.93
C THR A 306 13.74 -14.07 35.55
N ASP A 307 12.93 -13.90 34.52
CA ASP A 307 13.33 -14.18 33.15
C ASP A 307 13.20 -12.87 32.37
N TRP A 308 14.31 -12.17 32.18
CA TRP A 308 14.31 -10.85 31.58
C TRP A 308 14.59 -10.92 30.08
N VAL A 309 14.57 -9.75 29.46
CA VAL A 309 15.14 -9.54 28.12
C VAL A 309 15.40 -8.04 27.99
N VAL A 310 16.55 -7.70 27.40
CA VAL A 310 17.01 -6.33 27.33
C VAL A 310 16.93 -5.88 25.88
N ILE A 311 16.37 -4.69 25.67
CA ILE A 311 16.07 -4.18 24.34
C ILE A 311 16.70 -2.79 24.22
N ASP A 312 17.10 -2.45 23.01
CA ASP A 312 17.87 -1.25 22.74
C ASP A 312 16.95 -0.17 22.18
N VAL A 313 17.00 1.02 22.76
CA VAL A 313 15.97 2.03 22.59
C VAL A 313 16.40 3.12 21.62
N ARG A 314 17.54 2.94 20.96
CA ARG A 314 18.00 3.97 20.01
C ARG A 314 16.94 4.24 18.95
N GLY A 315 16.15 3.23 18.60
CA GLY A 315 15.12 3.43 17.60
C GLY A 315 14.08 4.44 18.05
N LEU A 316 13.69 4.38 19.33
CA LEU A 316 12.69 5.32 19.82
C LEU A 316 13.25 6.72 19.91
N LEU A 317 14.54 6.86 20.23
CA LEU A 317 15.17 8.16 20.21
C LEU A 317 15.16 8.75 18.81
N ARG A 318 15.51 7.95 17.80
CA ARG A 318 15.46 8.42 16.43
C ARG A 318 14.02 8.75 16.03
N ASN A 319 13.09 7.87 16.37
CA ASN A 319 11.69 8.11 16.03
C ASN A 319 11.11 9.30 16.78
N ALA A 320 11.69 9.67 17.92
CA ALA A 320 11.21 10.81 18.68
C ALA A 320 11.89 12.11 18.25
N ARG A 321 13.15 12.06 17.85
CA ARG A 321 13.81 13.24 17.31
C ARG A 321 13.36 13.57 15.90
N TRP A 322 12.64 12.65 15.25
CA TRP A 322 12.08 12.96 13.93
C TRP A 322 10.92 13.93 14.04
N ARG A 323 9.97 13.62 14.92
CA ARG A 323 8.75 14.40 15.00
C ARG A 323 8.92 15.68 15.81
N THR A 324 10.12 15.94 16.33
CA THR A 324 10.35 17.11 17.18
C THR A 324 9.41 17.13 18.37
N ILE A 325 8.95 15.96 18.78
CA ILE A 325 8.13 15.82 19.98
C ILE A 325 9.06 15.49 21.15
N ALA A 326 10.36 15.52 20.90
CA ALA A 326 11.35 15.29 21.93
C ALA A 326 12.29 16.48 21.98
N PRO A 327 12.41 17.19 23.09
CA PRO A 327 13.35 18.31 23.15
C PRO A 327 14.76 17.86 22.81
N LYS A 328 15.62 18.85 22.55
CA LYS A 328 16.97 18.51 22.12
C LYS A 328 17.78 17.93 23.28
N ASP A 329 17.49 18.34 24.50
CA ASP A 329 17.90 17.61 25.70
C ASP A 329 16.68 16.95 26.31
N ILE A 330 16.79 15.65 26.60
CA ILE A 330 15.70 14.88 27.16
C ILE A 330 16.29 13.66 27.84
N SER A 331 15.65 13.22 28.91
CA SER A 331 16.18 12.14 29.72
C SER A 331 15.56 10.81 29.31
N LEU A 332 16.24 9.73 29.69
CA LEU A 332 15.80 8.40 29.28
C LEU A 332 14.46 8.07 29.91
N ASN A 333 14.27 8.42 31.18
CA ASN A 333 12.99 8.12 31.82
C ASN A 333 11.88 8.95 31.20
N ALA A 334 12.17 10.19 30.82
CA ALA A 334 11.15 10.99 30.14
C ALA A 334 10.82 10.40 28.77
N LEU A 335 11.83 9.94 28.04
CA LEU A 335 11.57 9.29 26.76
C LEU A 335 10.68 8.07 26.93
N LEU A 336 10.98 7.21 27.90
CA LEU A 336 10.20 6.00 28.07
C LEU A 336 8.78 6.30 28.48
N ASP A 337 8.56 7.36 29.25
CA ASP A 337 7.20 7.76 29.59
C ASP A 337 6.50 8.45 28.43
N LEU A 338 7.25 8.89 27.42
CA LEU A 338 6.65 9.53 26.27
C LEU A 338 5.88 8.57 25.39
N PHE A 339 6.02 7.26 25.60
CA PHE A 339 5.40 6.24 24.76
C PHE A 339 4.52 5.35 25.63
N THR A 340 3.67 4.58 24.97
CA THR A 340 2.80 3.66 25.69
C THR A 340 3.64 2.53 26.29
N GLY A 341 3.13 1.96 27.38
CA GLY A 341 3.89 0.99 28.14
C GLY A 341 3.67 -0.45 27.72
N ASP A 342 3.13 -0.68 26.52
CA ASP A 342 2.82 -2.03 26.05
C ASP A 342 3.49 -2.28 24.70
N PRO A 343 4.79 -2.52 24.68
CA PRO A 343 5.43 -2.98 23.44
C PRO A 343 4.90 -4.33 23.01
N VAL A 344 5.29 -4.75 21.81
CA VAL A 344 5.02 -6.10 21.32
C VAL A 344 6.34 -6.67 20.79
N ILE A 345 6.95 -7.57 21.56
CA ILE A 345 8.15 -8.26 21.11
C ILE A 345 7.82 -9.22 19.98
N ASP A 346 8.57 -9.13 18.89
CA ASP A 346 8.51 -10.10 17.80
C ASP A 346 9.69 -11.04 17.95
N VAL A 347 9.42 -12.30 18.30
CA VAL A 347 10.50 -13.22 18.62
C VAL A 347 11.15 -13.80 17.38
N ARG A 348 10.41 -13.94 16.28
CA ARG A 348 11.00 -14.50 15.06
C ARG A 348 11.75 -13.44 14.25
N ARG A 349 11.72 -12.19 14.68
CA ARG A 349 12.40 -11.10 13.98
C ARG A 349 13.39 -10.35 14.85
N ASN A 350 13.33 -10.49 16.17
CA ASN A 350 14.13 -9.69 17.09
C ASN A 350 13.89 -8.20 16.87
N ILE A 351 12.62 -7.83 16.78
CA ILE A 351 12.20 -6.45 16.61
C ILE A 351 11.12 -6.14 17.63
N VAL A 352 11.23 -4.99 18.28
CA VAL A 352 10.26 -4.54 19.28
C VAL A 352 9.52 -3.35 18.71
N THR A 353 8.19 -3.41 18.75
CA THR A 353 7.33 -2.35 18.23
C THR A 353 6.66 -1.62 19.39
N PHE A 354 7.22 -0.47 19.77
CA PHE A 354 6.55 0.41 20.71
C PHE A 354 5.47 1.21 20.01
N THR A 355 4.61 1.84 20.81
CA THR A 355 3.63 2.78 20.28
C THR A 355 3.61 4.04 21.14
N TYR A 356 3.04 5.10 20.58
CA TYR A 356 2.97 6.38 21.26
C TYR A 356 1.76 6.46 22.18
N THR A 357 1.97 7.00 23.37
CA THR A 357 0.84 7.37 24.22
C THR A 357 0.03 8.46 23.51
N LEU A 358 -1.29 8.36 23.64
CA LEU A 358 -2.16 9.26 22.87
C LEU A 358 -1.87 10.72 23.20
N ASP A 359 -1.68 11.04 24.48
CA ASP A 359 -1.56 12.44 24.86
C ASP A 359 -0.31 13.08 24.26
N ALA A 360 0.81 12.36 24.25
CA ALA A 360 2.04 12.91 23.69
C ALA A 360 1.89 13.21 22.20
N CYS A 361 1.32 12.27 21.46
CA CYS A 361 1.28 12.33 20.01
C CYS A 361 0.19 11.40 19.51
N GLY A 362 -0.17 11.58 18.25
CA GLY A 362 -1.27 10.82 17.68
C GLY A 362 -2.41 11.73 17.29
N THR A 363 -2.61 11.89 15.99
CA THR A 363 -3.63 12.80 15.47
C THR A 363 -4.98 12.08 15.42
N TYR A 364 -5.99 12.83 15.02
CA TYR A 364 -7.31 12.29 14.75
C TYR A 364 -7.29 11.55 13.42
N ALA A 365 -8.11 10.50 13.34
CA ALA A 365 -8.19 9.69 12.13
C ALA A 365 -9.64 9.61 11.70
N ARG A 366 -9.97 10.32 10.64
CA ARG A 366 -11.31 10.28 10.06
C ARG A 366 -11.56 8.92 9.43
N LYS A 367 -12.66 8.28 9.81
CA LYS A 367 -12.86 6.89 9.43
C LYS A 367 -13.05 6.74 7.92
N TRP A 368 -13.73 7.69 7.29
CA TRP A 368 -14.16 7.56 5.91
C TRP A 368 -13.65 8.73 5.07
N THR A 369 -13.13 8.40 3.89
CA THR A 369 -12.84 9.42 2.89
C THR A 369 -14.13 10.08 2.44
N LEU A 370 -14.09 11.38 2.19
CA LEU A 370 -15.28 12.15 1.88
C LEU A 370 -15.44 12.28 0.37
N LYS A 371 -16.59 11.90 -0.13
CA LYS A 371 -16.92 11.94 -1.55
C LYS A 371 -18.14 12.82 -1.78
N GLY A 372 -18.37 13.15 -3.05
CA GLY A 372 -19.69 13.63 -3.42
C GLY A 372 -20.04 14.93 -2.74
N LYS A 373 -21.32 15.04 -2.37
CA LYS A 373 -21.89 16.29 -1.93
C LYS A 373 -21.34 16.74 -0.58
N GLN A 374 -20.67 15.85 0.15
CA GLN A 374 -20.09 16.26 1.43
C GLN A 374 -19.10 17.40 1.24
N THR A 375 -18.44 17.46 0.09
CA THR A 375 -17.44 18.49 -0.12
C THR A 375 -18.00 19.87 0.15
N LYS A 376 -19.25 20.13 -0.30
CA LYS A 376 -19.86 21.42 -0.06
C LYS A 376 -19.80 21.78 1.41
N ALA A 377 -20.22 20.88 2.28
CA ALA A 377 -20.21 21.18 3.71
C ALA A 377 -18.80 21.33 4.23
N THR A 378 -17.85 20.53 3.70
CA THR A 378 -16.49 20.62 4.19
C THR A 378 -15.87 21.98 3.87
N LEU A 379 -16.08 22.48 2.66
CA LEU A 379 -15.55 23.79 2.34
C LEU A 379 -16.30 24.90 3.07
N ASP A 380 -17.61 24.75 3.24
CA ASP A 380 -18.37 25.73 3.98
C ASP A 380 -17.87 25.84 5.42
N LYS A 381 -17.43 24.71 5.99
CA LYS A 381 -16.99 24.67 7.38
C LYS A 381 -15.52 25.04 7.52
N LEU A 382 -14.64 24.36 6.77
CA LEU A 382 -13.22 24.63 6.87
C LEU A 382 -12.85 26.01 6.36
N THR A 383 -13.70 26.63 5.56
CA THR A 383 -13.42 27.96 5.03
C THR A 383 -14.11 29.08 5.80
N ALA A 384 -15.04 28.75 6.69
CA ALA A 384 -15.78 29.78 7.40
C ALA A 384 -14.82 30.79 8.05
N THR A 385 -13.72 30.31 8.60
CA THR A 385 -12.76 31.18 9.28
C THR A 385 -11.57 31.54 8.41
N GLN A 386 -10.87 30.53 7.90
CA GLN A 386 -9.56 30.72 7.29
C GLN A 386 -9.55 30.11 5.89
N THR A 387 -8.48 30.41 5.16
CA THR A 387 -8.35 29.99 3.77
C THR A 387 -7.62 28.66 3.69
N VAL A 388 -8.04 27.82 2.76
CA VAL A 388 -7.62 26.42 2.71
C VAL A 388 -6.98 26.15 1.36
N ALA A 389 -5.78 25.58 1.38
CA ALA A 389 -5.14 25.13 0.15
C ALA A 389 -5.89 23.92 -0.42
N LEU A 390 -5.94 23.85 -1.75
CA LEU A 390 -6.66 22.77 -2.44
C LEU A 390 -5.79 22.29 -3.60
N VAL A 391 -4.98 21.27 -3.34
CA VAL A 391 -4.18 20.63 -4.38
C VAL A 391 -5.00 19.55 -5.06
N ALA A 392 -5.11 19.63 -6.39
CA ALA A 392 -5.78 18.62 -7.17
C ALA A 392 -4.75 17.74 -7.86
N ILE A 393 -4.88 16.43 -7.67
CA ILE A 393 -3.92 15.44 -8.13
C ILE A 393 -4.58 14.57 -9.18
N ASP A 394 -3.90 14.35 -10.30
CA ASP A 394 -4.44 13.58 -11.41
C ASP A 394 -3.40 12.58 -11.87
N LEU A 395 -3.72 11.29 -11.74
CA LEU A 395 -2.80 10.20 -11.98
C LEU A 395 -2.82 9.77 -13.44
N GLY A 396 -1.70 9.25 -13.90
CA GLY A 396 -1.59 8.78 -15.26
C GLY A 396 -0.38 7.88 -15.43
N GLN A 397 -0.06 7.57 -16.69
CA GLN A 397 1.02 6.65 -17.02
C GLN A 397 2.23 7.33 -17.62
N THR A 398 2.05 8.40 -18.39
CA THR A 398 3.18 9.18 -18.87
C THR A 398 3.80 10.00 -17.74
N ASN A 399 2.94 10.67 -16.97
CA ASN A 399 3.36 11.55 -15.88
C ASN A 399 2.68 11.04 -14.62
N PRO A 400 3.40 10.41 -13.69
CA PRO A 400 2.70 9.58 -12.68
C PRO A 400 1.61 10.32 -11.95
N ILE A 401 1.90 11.45 -11.32
CA ILE A 401 0.86 12.35 -10.84
C ILE A 401 1.13 13.74 -11.38
N SER A 402 0.05 14.46 -11.68
CA SER A 402 0.10 15.87 -12.00
C SER A 402 -0.75 16.61 -10.98
N ALA A 403 -0.19 17.64 -10.36
CA ALA A 403 -0.87 18.37 -9.30
C ALA A 403 -0.96 19.85 -9.65
N GLY A 404 -2.13 20.43 -9.35
CA GLY A 404 -2.33 21.85 -9.52
C GLY A 404 -2.79 22.49 -8.22
N ILE A 405 -2.00 23.39 -7.68
CA ILE A 405 -2.26 23.97 -6.37
C ILE A 405 -3.15 25.20 -6.54
N SER A 406 -4.25 25.24 -5.81
CA SER A 406 -5.10 26.41 -5.73
C SER A 406 -5.15 26.88 -4.28
N ARG A 407 -5.91 27.95 -4.05
CA ARG A 407 -6.02 28.56 -2.73
C ARG A 407 -7.46 28.97 -2.53
N VAL A 408 -8.24 28.12 -1.88
CA VAL A 408 -9.66 28.34 -1.71
C VAL A 408 -9.87 29.39 -0.61
N THR A 409 -10.63 30.42 -0.93
CA THR A 409 -10.95 31.49 0.00
C THR A 409 -12.46 31.62 0.04
N GLN A 410 -12.99 32.64 0.70
CA GLN A 410 -14.40 32.60 1.07
C GLN A 410 -15.00 33.99 1.09
N GLU A 411 -16.00 34.18 0.23
CA GLU A 411 -16.91 35.32 0.28
C GLU A 411 -18.31 34.73 0.28
N ASN A 412 -19.22 35.39 0.99
CA ASN A 412 -20.46 34.74 1.40
C ASN A 412 -21.09 33.99 0.24
N GLY A 413 -21.26 32.68 0.42
CA GLY A 413 -21.91 31.84 -0.55
C GLY A 413 -21.11 31.55 -1.80
N ALA A 414 -19.81 31.82 -1.81
CA ALA A 414 -18.98 31.55 -2.98
C ALA A 414 -17.64 30.98 -2.55
N LEU A 415 -17.04 30.18 -3.43
CA LEU A 415 -15.70 29.62 -3.22
C LEU A 415 -14.82 29.98 -4.41
N GLN A 416 -14.16 31.12 -4.35
CA GLN A 416 -13.20 31.50 -5.40
C GLN A 416 -12.03 30.53 -5.40
N CYS A 417 -11.84 29.81 -6.51
CA CYS A 417 -10.71 28.89 -6.65
C CYS A 417 -9.54 29.56 -7.36
N GLU A 418 -8.86 30.44 -6.64
CA GLU A 418 -7.64 31.04 -7.18
C GLU A 418 -6.57 29.97 -7.37
N PRO A 419 -6.14 29.68 -8.60
CA PRO A 419 -5.06 28.69 -8.77
C PRO A 419 -3.69 29.33 -8.77
N LEU A 420 -2.73 28.65 -8.13
CA LEU A 420 -1.35 29.13 -8.12
C LEU A 420 -0.45 28.41 -9.12
N ASP A 421 -0.37 27.08 -9.05
CA ASP A 421 0.73 26.38 -9.70
C ASP A 421 0.30 25.00 -10.18
N ARG A 422 0.30 24.78 -11.49
CA ARG A 422 0.44 23.44 -12.03
C ARG A 422 1.91 23.03 -11.95
N PHE A 423 2.16 21.78 -11.55
CA PHE A 423 3.53 21.29 -11.57
C PHE A 423 3.55 19.77 -11.77
N THR A 424 4.74 19.27 -12.03
CA THR A 424 5.03 17.86 -12.20
C THR A 424 6.15 17.48 -11.23
N LEU A 425 6.26 16.19 -10.93
CA LEU A 425 7.28 15.76 -10.01
C LEU A 425 8.66 15.89 -10.66
N PRO A 426 9.71 16.07 -9.86
CA PRO A 426 11.01 16.45 -10.43
C PRO A 426 11.67 15.33 -11.22
N ASP A 427 12.87 15.61 -11.73
CA ASP A 427 13.53 14.66 -12.62
C ASP A 427 14.14 13.50 -11.84
N ASP A 428 14.72 13.77 -10.68
CA ASP A 428 15.40 12.71 -9.95
C ASP A 428 14.44 11.63 -9.50
N LEU A 429 13.24 12.02 -9.03
CA LEU A 429 12.29 11.02 -8.58
C LEU A 429 11.74 10.21 -9.76
N LEU A 430 11.63 10.82 -10.93
CA LEU A 430 11.27 10.05 -12.12
C LEU A 430 12.35 9.02 -12.45
N LYS A 431 13.61 9.40 -12.29
CA LYS A 431 14.69 8.44 -12.50
C LYS A 431 14.59 7.29 -11.52
N ASP A 432 14.21 7.58 -10.27
CA ASP A 432 14.00 6.51 -9.30
C ASP A 432 12.79 5.66 -9.69
N ILE A 433 11.74 6.28 -10.20
CA ILE A 433 10.57 5.52 -10.65
C ILE A 433 10.95 4.56 -11.77
N SER A 434 11.76 5.02 -12.72
CA SER A 434 12.13 4.17 -13.84
C SER A 434 12.95 2.98 -13.36
N ALA A 435 13.87 3.20 -12.43
CA ALA A 435 14.70 2.10 -11.96
C ALA A 435 13.87 1.10 -11.16
N TYR A 436 12.88 1.59 -10.41
CA TYR A 436 11.99 0.67 -9.71
C TYR A 436 11.11 -0.09 -10.66
N ARG A 437 10.60 0.57 -11.70
CA ARG A 437 9.71 -0.11 -12.65
C ARG A 437 10.46 -1.18 -13.40
N ILE A 438 11.68 -0.88 -13.87
CA ILE A 438 12.49 -1.89 -14.53
C ILE A 438 12.78 -3.04 -13.57
N ALA A 439 13.15 -2.71 -12.34
CA ALA A 439 13.50 -3.75 -11.37
C ALA A 439 12.33 -4.68 -11.08
N TRP A 440 11.19 -4.11 -10.70
CA TRP A 440 10.07 -4.95 -10.28
C TRP A 440 9.46 -5.70 -11.45
N ASP A 441 9.44 -5.11 -12.63
CA ASP A 441 8.97 -5.84 -13.80
C ASP A 441 9.85 -7.06 -14.06
N ARG A 442 11.17 -6.86 -14.04
CA ARG A 442 12.08 -7.98 -14.23
C ARG A 442 11.84 -9.07 -13.20
N ASN A 443 11.64 -8.68 -11.95
CA ASN A 443 11.38 -9.68 -10.91
C ASN A 443 10.10 -10.43 -11.18
N GLU A 444 9.07 -9.75 -11.65
CA GLU A 444 7.79 -10.43 -11.90
C GLU A 444 7.93 -11.46 -13.01
N GLU A 445 8.64 -11.12 -14.09
CA GLU A 445 8.79 -12.07 -15.19
C GLU A 445 9.59 -13.28 -14.76
N GLU A 446 10.68 -13.07 -14.02
CA GLU A 446 11.45 -14.19 -13.50
C GLU A 446 10.62 -15.02 -12.54
N LEU A 447 9.84 -14.36 -11.68
CA LEU A 447 8.99 -15.10 -10.74
C LEU A 447 7.98 -15.96 -11.46
N ARG A 448 7.30 -15.40 -12.47
CA ARG A 448 6.28 -16.17 -13.19
C ARG A 448 6.90 -17.34 -13.92
N ALA A 449 8.00 -17.09 -14.64
CA ALA A 449 8.70 -18.15 -15.34
C ALA A 449 9.07 -19.27 -14.38
N ARG A 450 9.54 -18.92 -13.19
CA ARG A 450 9.89 -19.93 -12.19
C ARG A 450 8.67 -20.77 -11.83
N SER A 451 7.63 -20.12 -11.31
CA SER A 451 6.37 -20.81 -11.00
C SER A 451 5.97 -21.77 -12.12
N VAL A 452 6.15 -21.34 -13.38
CA VAL A 452 5.83 -22.21 -14.51
C VAL A 452 6.71 -23.44 -14.50
N GLU A 453 7.98 -23.29 -14.11
CA GLU A 453 8.92 -24.40 -14.16
C GLU A 453 8.48 -25.54 -13.26
N ALA A 454 7.62 -25.28 -12.27
CA ALA A 454 7.15 -26.31 -11.34
C ALA A 454 5.64 -26.32 -11.36
N LEU A 455 5.07 -27.46 -11.74
CA LEU A 455 3.64 -27.63 -11.90
C LEU A 455 3.36 -29.12 -12.08
N PRO A 456 2.10 -29.55 -12.06
CA PRO A 456 1.80 -30.92 -12.50
C PRO A 456 2.08 -31.09 -13.98
N GLU A 457 2.39 -32.32 -14.37
CA GLU A 457 2.82 -32.58 -15.74
C GLU A 457 1.72 -32.22 -16.74
N ALA A 458 0.47 -32.55 -16.42
CA ALA A 458 -0.66 -32.30 -17.31
C ALA A 458 -0.93 -30.82 -17.54
N GLN A 459 -0.18 -29.92 -16.90
CA GLN A 459 -0.46 -28.48 -16.94
C GLN A 459 0.53 -27.69 -17.77
N GLN A 460 1.81 -28.06 -17.77
CA GLN A 460 2.83 -27.17 -18.30
C GLN A 460 2.62 -26.89 -19.79
N ALA A 461 2.33 -27.93 -20.58
CA ALA A 461 2.30 -27.75 -22.04
C ALA A 461 1.22 -26.76 -22.45
N GLU A 462 0.00 -26.92 -21.92
CA GLU A 462 -1.09 -26.03 -22.32
C GLU A 462 -0.79 -24.59 -21.93
N VAL A 463 -0.28 -24.38 -20.72
CA VAL A 463 0.01 -23.02 -20.26
C VAL A 463 1.28 -22.48 -20.89
N ARG A 464 2.08 -23.35 -21.52
CA ARG A 464 3.23 -22.89 -22.28
C ARG A 464 2.78 -22.26 -23.59
N ALA A 465 1.81 -22.86 -24.26
CA ALA A 465 1.40 -22.46 -25.60
C ALA A 465 -0.03 -21.92 -25.66
N LEU A 466 -0.69 -21.73 -24.51
CA LEU A 466 -2.05 -21.20 -24.55
C LEU A 466 -2.09 -19.85 -25.24
N ASP A 467 -1.17 -18.95 -24.87
CA ASP A 467 -1.14 -17.62 -25.45
C ASP A 467 -0.16 -17.50 -26.63
N GLY A 468 0.68 -18.50 -26.84
CA GLY A 468 1.62 -18.47 -27.96
C GLY A 468 0.93 -18.58 -29.30
N VAL A 469 0.25 -19.71 -29.50
CA VAL A 469 -0.41 -20.01 -30.78
C VAL A 469 -1.80 -19.39 -30.81
N SER A 470 -2.13 -18.60 -29.79
CA SER A 470 -3.53 -18.20 -29.60
C SER A 470 -4.07 -17.49 -30.83
N LYS A 471 -3.30 -16.56 -31.40
CA LYS A 471 -3.83 -15.80 -32.53
C LYS A 471 -3.98 -16.68 -33.77
N GLU A 472 -3.04 -17.60 -33.98
CA GLU A 472 -3.15 -18.53 -35.10
C GLU A 472 -4.32 -19.49 -34.89
N THR A 473 -4.38 -20.10 -33.71
CA THR A 473 -5.47 -21.02 -33.41
C THR A 473 -6.82 -20.33 -33.52
N ALA A 474 -6.92 -19.11 -32.99
CA ALA A 474 -8.20 -18.42 -32.94
C ALA A 474 -8.73 -18.12 -34.35
N ARG A 475 -7.88 -17.56 -35.20
CA ARG A 475 -8.33 -17.22 -36.56
C ARG A 475 -8.65 -18.48 -37.34
N THR A 476 -7.83 -19.53 -37.20
CA THR A 476 -8.06 -20.74 -37.98
C THR A 476 -9.36 -21.42 -37.58
N GLN A 477 -9.63 -21.52 -36.28
CA GLN A 477 -10.90 -22.13 -35.85
C GLN A 477 -12.08 -21.29 -36.30
N LEU A 478 -11.96 -19.97 -36.23
CA LEU A 478 -13.06 -19.11 -36.66
C LEU A 478 -13.37 -19.31 -38.13
N CYS A 479 -12.33 -19.29 -38.98
CA CYS A 479 -12.53 -19.51 -40.40
C CYS A 479 -13.11 -20.89 -40.66
N ALA A 480 -12.58 -21.92 -40.00
CA ALA A 480 -13.07 -23.27 -40.22
C ALA A 480 -14.51 -23.41 -39.78
N ASP A 481 -14.87 -22.78 -38.66
CA ASP A 481 -16.25 -22.88 -38.18
C ASP A 481 -17.23 -22.21 -39.13
N PHE A 482 -16.87 -21.02 -39.64
CA PHE A 482 -17.74 -20.28 -40.55
C PHE A 482 -17.24 -20.29 -41.99
N GLY A 483 -16.19 -21.05 -42.29
CA GLY A 483 -15.78 -21.25 -43.66
C GLY A 483 -15.08 -20.08 -44.32
N LEU A 484 -14.89 -18.96 -43.62
CA LEU A 484 -14.39 -17.75 -44.27
C LEU A 484 -12.96 -17.97 -44.75
N ASP A 485 -12.69 -17.54 -45.99
CA ASP A 485 -11.32 -17.52 -46.48
C ASP A 485 -10.54 -16.41 -45.79
N PRO A 486 -9.43 -16.71 -45.11
CA PRO A 486 -8.67 -15.61 -44.47
C PRO A 486 -8.10 -14.60 -45.44
N LYS A 487 -7.63 -15.04 -46.61
CA LYS A 487 -6.81 -14.16 -47.44
C LYS A 487 -7.62 -13.10 -48.17
N ARG A 488 -8.88 -13.38 -48.53
CA ARG A 488 -9.66 -12.39 -49.26
C ARG A 488 -9.98 -11.18 -48.38
N LEU A 489 -10.03 -11.37 -47.06
CA LEU A 489 -10.26 -10.28 -46.11
C LEU A 489 -8.95 -9.96 -45.40
N PRO A 490 -8.50 -8.70 -45.40
CA PRO A 490 -7.20 -8.41 -44.76
C PRO A 490 -7.31 -8.58 -43.25
N TRP A 491 -6.32 -9.28 -42.69
CA TRP A 491 -6.37 -9.75 -41.32
C TRP A 491 -5.65 -8.84 -40.33
N ASP A 492 -4.49 -8.31 -40.70
CA ASP A 492 -3.72 -7.50 -39.77
C ASP A 492 -4.39 -6.18 -39.45
N LYS A 493 -5.28 -5.69 -40.30
CA LYS A 493 -5.86 -4.35 -40.14
C LYS A 493 -7.15 -4.42 -39.33
N MET A 494 -7.03 -4.98 -38.12
CA MET A 494 -8.11 -5.00 -37.14
C MET A 494 -7.85 -3.92 -36.10
N SER A 495 -8.80 -3.01 -35.92
CA SER A 495 -8.65 -1.89 -35.01
C SER A 495 -9.75 -1.95 -33.95
N SER A 496 -9.75 -0.93 -33.08
CA SER A 496 -10.70 -0.91 -31.97
C SER A 496 -12.13 -0.75 -32.44
N ASN A 497 -12.33 -0.33 -33.69
CA ASN A 497 -13.66 -0.06 -34.21
C ASN A 497 -13.92 -0.80 -35.51
N THR A 498 -13.03 -1.70 -35.91
CA THR A 498 -13.21 -2.42 -37.16
C THR A 498 -14.40 -3.36 -37.05
N THR A 499 -15.17 -3.45 -38.13
CA THR A 499 -16.33 -4.33 -38.19
C THR A 499 -16.35 -5.09 -39.50
N PHE A 500 -15.19 -5.56 -39.96
CA PHE A 500 -15.13 -6.27 -41.23
C PHE A 500 -15.72 -7.66 -41.13
N ILE A 501 -15.39 -8.38 -40.05
CA ILE A 501 -15.82 -9.77 -39.93
C ILE A 501 -17.33 -9.86 -39.87
N SER A 502 -17.97 -8.96 -39.13
CA SER A 502 -19.42 -9.07 -38.95
C SER A 502 -20.16 -8.84 -40.25
N GLU A 503 -19.70 -7.90 -41.06
CA GLU A 503 -20.32 -7.71 -42.37
C GLU A 503 -20.07 -8.90 -43.27
N ALA A 504 -18.89 -9.54 -43.13
CA ALA A 504 -18.66 -10.78 -43.85
C ALA A 504 -19.60 -11.88 -43.38
N LEU A 505 -19.89 -11.92 -42.09
CA LEU A 505 -20.89 -12.86 -41.59
C LEU A 505 -22.24 -12.64 -42.26
N LEU A 506 -22.66 -11.38 -42.36
CA LEU A 506 -23.95 -11.10 -42.99
C LEU A 506 -23.92 -11.40 -44.48
N SER A 507 -22.73 -11.31 -45.10
CA SER A 507 -22.60 -11.72 -46.49
C SER A 507 -22.84 -13.21 -46.64
N ASN A 508 -22.29 -14.01 -45.73
CA ASN A 508 -22.53 -15.45 -45.77
C ASN A 508 -23.98 -15.76 -45.46
N SER A 509 -24.62 -14.96 -44.60
CA SER A 509 -26.06 -15.05 -44.35
C SER A 509 -26.44 -16.45 -43.88
N VAL A 510 -25.88 -16.84 -42.73
CA VAL A 510 -26.16 -18.15 -42.17
C VAL A 510 -27.44 -18.12 -41.35
N SER A 511 -27.59 -17.12 -40.48
CA SER A 511 -28.87 -16.84 -39.86
C SER A 511 -28.76 -15.51 -39.10
N ARG A 512 -29.92 -14.98 -38.71
CA ARG A 512 -30.00 -13.75 -37.95
C ARG A 512 -30.35 -13.96 -36.48
N ASP A 513 -30.58 -15.21 -36.05
CA ASP A 513 -30.99 -15.44 -34.67
C ASP A 513 -29.84 -15.15 -33.69
N GLN A 514 -28.65 -15.63 -34.01
CA GLN A 514 -27.52 -15.66 -33.09
C GLN A 514 -26.87 -14.29 -32.86
N VAL A 515 -27.18 -13.29 -33.67
CA VAL A 515 -26.36 -12.08 -33.77
C VAL A 515 -27.02 -10.90 -33.07
N PHE A 516 -28.24 -10.55 -33.47
CA PHE A 516 -28.90 -9.42 -32.84
C PHE A 516 -29.33 -9.78 -31.42
N PHE A 517 -29.22 -8.82 -30.51
CA PHE A 517 -29.61 -8.99 -29.13
C PHE A 517 -30.02 -7.64 -28.57
N THR A 518 -30.64 -7.67 -27.39
CA THR A 518 -31.23 -6.47 -26.80
C THR A 518 -30.48 -6.04 -25.55
N PRO A 519 -29.33 -5.38 -25.68
CA PRO A 519 -28.61 -4.89 -24.50
C PRO A 519 -29.52 -4.16 -23.52
N ALA A 520 -29.58 -4.65 -22.28
CA ALA A 520 -30.42 -4.02 -21.28
C ALA A 520 -29.95 -2.59 -21.03
N PRO A 521 -30.82 -1.58 -21.16
CA PRO A 521 -30.40 -0.20 -20.92
C PRO A 521 -29.81 0.00 -19.53
N VAL A 531 -32.44 0.37 -27.12
CA VAL A 531 -32.42 0.19 -28.56
C VAL A 531 -31.73 -1.13 -28.90
N GLU A 532 -32.41 -1.96 -29.68
CA GLU A 532 -31.88 -3.27 -30.05
C GLU A 532 -30.90 -3.10 -31.20
N VAL A 533 -29.60 -3.24 -30.90
CA VAL A 533 -28.53 -2.99 -31.87
C VAL A 533 -27.65 -4.24 -31.93
N MET A 534 -27.37 -4.70 -33.15
CA MET A 534 -26.29 -5.67 -33.33
C MET A 534 -24.96 -4.98 -33.01
N ARG A 535 -24.18 -5.60 -32.12
CA ARG A 535 -23.00 -4.94 -31.59
C ARG A 535 -21.76 -5.34 -32.37
N LYS A 536 -20.62 -4.79 -31.95
CA LYS A 536 -19.34 -5.02 -32.59
C LYS A 536 -18.99 -6.49 -32.66
N ASP A 537 -18.47 -6.91 -33.81
CA ASP A 537 -17.84 -8.23 -33.90
C ASP A 537 -16.68 -8.38 -32.92
N ARG A 538 -16.08 -7.26 -32.50
CA ARG A 538 -15.06 -7.26 -31.45
C ARG A 538 -15.48 -8.18 -30.31
N THR A 539 -16.77 -8.13 -29.96
CA THR A 539 -17.27 -8.96 -28.86
C THR A 539 -17.07 -10.43 -29.18
N TRP A 540 -17.35 -10.85 -30.41
CA TRP A 540 -17.11 -12.22 -30.80
C TRP A 540 -15.64 -12.57 -30.68
N ALA A 541 -14.77 -11.74 -31.26
CA ALA A 541 -13.33 -11.88 -31.05
C ALA A 541 -13.02 -12.06 -29.59
N ARG A 542 -13.65 -11.26 -28.72
CA ARG A 542 -13.41 -11.36 -27.29
C ARG A 542 -13.84 -12.72 -26.77
N ALA A 543 -14.99 -13.21 -27.23
CA ALA A 543 -15.49 -14.51 -26.77
C ALA A 543 -14.54 -15.63 -27.12
N TYR A 544 -14.04 -15.65 -28.35
CA TYR A 544 -13.25 -16.78 -28.86
C TYR A 544 -11.80 -16.57 -28.45
N LYS A 545 -11.53 -16.84 -27.18
CA LYS A 545 -10.20 -16.74 -26.59
C LYS A 545 -9.98 -17.99 -25.75
N PRO A 546 -8.89 -18.72 -25.95
CA PRO A 546 -8.78 -20.07 -25.35
C PRO A 546 -8.37 -20.04 -23.89
N ARG A 547 -9.24 -19.49 -23.05
CA ARG A 547 -9.00 -19.50 -21.62
C ARG A 547 -8.98 -20.93 -21.10
N LEU A 548 -8.05 -21.22 -20.21
CA LEU A 548 -7.91 -22.58 -19.71
C LEU A 548 -8.88 -22.83 -18.55
N SER A 549 -9.03 -24.11 -18.21
CA SER A 549 -9.80 -24.53 -17.05
C SER A 549 -9.49 -23.65 -15.85
N VAL A 550 -10.55 -23.25 -15.14
CA VAL A 550 -10.35 -22.46 -13.92
C VAL A 550 -10.20 -23.36 -12.70
N GLU A 551 -10.47 -24.66 -12.84
CA GLU A 551 -10.07 -25.59 -11.79
C GLU A 551 -8.56 -25.62 -11.63
N ALA A 552 -7.83 -25.42 -12.72
CA ALA A 552 -6.37 -25.38 -12.67
C ALA A 552 -5.84 -23.96 -12.50
N GLN A 553 -6.61 -22.95 -12.92
CA GLN A 553 -6.24 -21.57 -12.61
C GLN A 553 -5.99 -21.42 -11.13
N LYS A 554 -6.82 -22.04 -10.29
CA LYS A 554 -6.60 -22.00 -8.85
C LYS A 554 -5.25 -22.63 -8.50
N LEU A 555 -4.96 -23.81 -9.07
CA LEU A 555 -3.69 -24.44 -8.79
C LEU A 555 -2.53 -23.59 -9.31
N LYS A 556 -2.70 -22.97 -10.47
CA LYS A 556 -1.66 -22.07 -10.97
C LYS A 556 -1.43 -20.90 -10.01
N ASN A 557 -2.51 -20.29 -9.52
CA ASN A 557 -2.37 -19.11 -8.67
C ASN A 557 -1.91 -19.48 -7.28
N GLU A 558 -2.20 -20.69 -6.82
CA GLU A 558 -1.68 -21.12 -5.53
C GLU A 558 -0.18 -21.32 -5.60
N ALA A 559 0.33 -21.86 -6.71
CA ALA A 559 1.77 -21.93 -6.90
C ALA A 559 2.37 -20.52 -6.93
N LEU A 560 1.75 -19.60 -7.66
CA LEU A 560 2.24 -18.24 -7.69
C LEU A 560 2.15 -17.59 -6.31
N TRP A 561 1.03 -17.78 -5.60
CA TRP A 561 0.90 -17.18 -4.28
C TRP A 561 1.99 -17.67 -3.34
N ALA A 562 2.23 -18.98 -3.32
CA ALA A 562 3.19 -19.54 -2.37
C ALA A 562 4.59 -19.04 -2.68
N LEU A 563 5.00 -19.08 -3.95
CA LEU A 563 6.37 -18.72 -4.29
C LEU A 563 6.67 -17.28 -3.91
N LYS A 564 5.77 -16.35 -4.22
CA LYS A 564 5.99 -14.96 -3.85
C LYS A 564 5.87 -14.77 -2.34
N ARG A 565 4.96 -15.51 -1.71
CA ARG A 565 4.73 -15.35 -0.28
C ARG A 565 6.01 -15.60 0.52
N THR A 566 6.85 -16.52 0.07
CA THR A 566 8.06 -16.88 0.79
C THR A 566 9.32 -16.21 0.28
N SER A 567 9.43 -15.99 -1.03
CA SER A 567 10.69 -15.49 -1.58
C SER A 567 11.00 -14.11 -1.02
N PRO A 568 12.23 -13.86 -0.58
CA PRO A 568 12.53 -12.54 0.01
C PRO A 568 12.34 -11.40 -0.98
N GLU A 569 12.90 -11.54 -2.18
CA GLU A 569 12.86 -10.47 -3.18
C GLU A 569 11.51 -9.77 -3.23
N TYR A 570 10.43 -10.55 -3.27
CA TYR A 570 9.12 -9.95 -3.43
C TYR A 570 8.77 -9.04 -2.26
N LEU A 571 9.09 -9.45 -1.04
CA LEU A 571 8.82 -8.59 0.11
C LEU A 571 9.64 -7.32 0.05
N LYS A 572 10.92 -7.44 -0.26
CA LYS A 572 11.77 -6.26 -0.42
C LYS A 572 11.16 -5.28 -1.40
N LEU A 573 10.82 -5.75 -2.60
CA LEU A 573 10.27 -4.86 -3.61
C LEU A 573 8.93 -4.29 -3.16
N SER A 574 8.10 -5.10 -2.50
CA SER A 574 6.82 -4.59 -2.04
C SER A 574 7.00 -3.47 -1.02
N ARG A 575 7.94 -3.64 -0.09
CA ARG A 575 8.23 -2.57 0.86
C ARG A 575 8.76 -1.34 0.13
N ARG A 576 9.64 -1.53 -0.84
CA ARG A 576 10.17 -0.39 -1.58
C ARG A 576 9.06 0.36 -2.28
N LYS A 577 8.13 -0.35 -2.91
CA LYS A 577 7.04 0.31 -3.60
C LYS A 577 6.24 1.19 -2.65
N GLU A 578 5.88 0.64 -1.49
CA GLU A 578 5.11 1.43 -0.53
C GLU A 578 5.91 2.63 -0.04
N GLU A 579 7.19 2.43 0.26
CA GLU A 579 8.02 3.54 0.73
C GLU A 579 8.19 4.59 -0.37
N LEU A 580 8.56 4.15 -1.56
CA LEU A 580 8.74 5.10 -2.66
C LEU A 580 7.45 5.78 -3.06
N CYS A 581 6.30 5.20 -2.71
CA CYS A 581 5.01 5.79 -3.09
C CYS A 581 4.52 6.78 -2.05
N ARG A 582 4.75 6.48 -0.76
CA ARG A 582 4.59 7.50 0.27
C ARG A 582 5.40 8.74 -0.08
N ARG A 583 6.64 8.54 -0.52
CA ARG A 583 7.50 9.67 -0.84
C ARG A 583 6.92 10.51 -1.97
N SER A 584 6.38 9.85 -3.00
CA SER A 584 5.89 10.61 -4.14
C SER A 584 4.68 11.46 -3.76
N ILE A 585 3.87 11.01 -2.80
CA ILE A 585 2.77 11.84 -2.32
C ILE A 585 3.20 12.79 -1.22
N ASN A 586 4.34 12.54 -0.57
CA ASN A 586 4.77 13.42 0.50
C ASN A 586 5.42 14.68 -0.06
N TYR A 587 6.40 14.52 -0.95
CA TYR A 587 6.94 15.66 -1.68
C TYR A 587 5.84 16.58 -2.17
N VAL A 588 4.81 15.99 -2.80
CA VAL A 588 3.72 16.79 -3.37
C VAL A 588 3.01 17.57 -2.28
N ILE A 589 2.68 16.90 -1.17
CA ILE A 589 1.92 17.59 -0.12
C ILE A 589 2.76 18.67 0.52
N GLU A 590 4.05 18.41 0.76
CA GLU A 590 4.89 19.40 1.41
C GLU A 590 5.11 20.61 0.51
N LYS A 591 5.20 20.39 -0.80
CA LYS A 591 5.39 21.52 -1.71
C LYS A 591 4.15 22.41 -1.73
N THR A 592 2.97 21.81 -1.75
CA THR A 592 1.75 22.60 -1.72
C THR A 592 1.65 23.39 -0.43
N ARG A 593 2.26 22.89 0.65
CA ARG A 593 2.22 23.60 1.91
C ARG A 593 3.18 24.80 1.88
N ARG A 594 4.41 24.56 1.43
CA ARG A 594 5.40 25.63 1.27
C ARG A 594 5.08 26.58 0.13
N ARG A 595 3.95 26.40 -0.56
CA ARG A 595 3.54 27.28 -1.65
C ARG A 595 2.30 28.09 -1.34
N THR A 596 1.35 27.54 -0.58
CA THR A 596 0.14 28.25 -0.22
C THR A 596 0.26 29.01 1.09
N GLN A 597 1.19 28.63 1.95
CA GLN A 597 1.34 29.26 3.27
C GLN A 597 0.06 29.15 4.09
N CYS A 598 -0.73 28.11 3.84
CA CYS A 598 -1.93 27.83 4.61
C CYS A 598 -1.79 26.48 5.28
N GLN A 599 -2.15 26.40 6.56
CA GLN A 599 -1.87 25.19 7.33
C GLN A 599 -2.68 24.00 6.82
N ILE A 600 -3.94 24.22 6.44
CA ILE A 600 -4.82 23.12 6.04
C ILE A 600 -4.67 22.90 4.54
N VAL A 601 -4.02 21.80 4.17
CA VAL A 601 -3.92 21.36 2.79
C VAL A 601 -4.78 20.10 2.63
N ILE A 602 -5.73 20.13 1.70
CA ILE A 602 -6.70 19.05 1.56
C ILE A 602 -6.69 18.51 0.13
N PRO A 603 -5.81 17.56 -0.19
CA PRO A 603 -5.74 17.07 -1.56
C PRO A 603 -7.04 16.41 -2.00
N VAL A 604 -7.47 16.74 -3.22
CA VAL A 604 -8.63 16.13 -3.87
C VAL A 604 -8.11 15.18 -4.95
N ILE A 605 -8.51 13.92 -4.86
CA ILE A 605 -8.00 12.87 -5.73
C ILE A 605 -9.18 12.12 -6.35
N GLU A 606 -9.07 11.84 -7.64
CA GLU A 606 -10.12 11.11 -8.34
C GLU A 606 -10.10 9.64 -7.94
N ASP A 607 -11.29 9.07 -7.74
CA ASP A 607 -11.39 7.64 -7.51
C ASP A 607 -10.93 6.89 -8.75
N LEU A 608 -10.32 5.72 -8.53
CA LEU A 608 -9.98 4.82 -9.61
C LEU A 608 -10.79 3.54 -9.61
N ASN A 609 -11.42 3.17 -8.49
CA ASN A 609 -12.17 1.93 -8.42
C ASN A 609 -13.13 1.80 -9.60
N VAL A 610 -13.85 2.87 -9.91
CA VAL A 610 -14.85 2.85 -10.98
C VAL A 610 -14.36 3.58 -12.22
N ARG A 611 -13.08 3.92 -12.29
CA ARG A 611 -12.54 4.59 -13.47
C ARG A 611 -12.71 3.69 -14.68
N PHE A 612 -13.36 4.21 -15.72
CA PHE A 612 -13.69 3.41 -16.90
C PHE A 612 -13.37 4.09 -18.22
N PHE A 613 -13.01 5.37 -18.24
CA PHE A 613 -12.61 6.05 -19.46
C PHE A 613 -11.25 6.72 -19.38
N HIS A 614 -10.64 6.80 -18.19
CA HIS A 614 -9.34 7.44 -18.03
C HIS A 614 -8.27 6.47 -18.54
N GLY A 615 -8.10 6.45 -19.87
CA GLY A 615 -7.21 5.51 -20.50
C GLY A 615 -6.45 6.15 -21.65
N SER A 616 -5.65 5.33 -22.33
CA SER A 616 -4.84 5.80 -23.43
C SER A 616 -5.71 6.08 -24.66
N GLY A 617 -5.13 6.80 -25.62
CA GLY A 617 -5.88 7.23 -26.78
C GLY A 617 -6.47 6.06 -27.56
N LYS A 618 -5.66 5.03 -27.82
CA LYS A 618 -6.07 3.95 -28.70
C LYS A 618 -5.07 2.82 -28.59
N ARG A 619 -5.58 1.58 -28.63
CA ARG A 619 -4.74 0.40 -28.59
C ARG A 619 -4.12 0.14 -29.97
N LEU A 620 -3.05 -0.65 -29.97
CA LEU A 620 -2.41 -1.01 -31.23
C LEU A 620 -3.41 -1.69 -32.15
N PRO A 621 -3.40 -1.39 -33.45
CA PRO A 621 -4.28 -2.10 -34.39
C PRO A 621 -3.82 -3.50 -34.77
N GLY A 622 -2.78 -4.05 -34.14
CA GLY A 622 -2.40 -5.41 -34.43
C GLY A 622 -3.41 -6.42 -33.93
N TRP A 623 -3.32 -7.64 -34.47
CA TRP A 623 -4.10 -8.74 -33.92
C TRP A 623 -3.56 -9.17 -32.56
N ASP A 624 -2.25 -9.02 -32.36
CA ASP A 624 -1.61 -9.45 -31.11
C ASP A 624 -2.13 -8.69 -29.90
N ASN A 625 -2.73 -7.52 -30.10
CA ASN A 625 -2.95 -6.55 -29.03
C ASN A 625 -4.38 -6.59 -28.48
N PHE A 626 -5.18 -7.60 -28.85
CA PHE A 626 -6.47 -7.77 -28.19
C PHE A 626 -6.30 -8.34 -26.79
N PHE A 627 -5.23 -9.08 -26.56
CA PHE A 627 -5.02 -9.89 -25.36
C PHE A 627 -3.75 -9.48 -24.62
N THR A 628 -3.52 -8.17 -24.48
CA THR A 628 -2.25 -7.69 -23.93
C THR A 628 -2.33 -7.66 -22.41
N ALA A 629 -2.23 -8.86 -21.84
CA ALA A 629 -2.25 -9.05 -20.39
C ALA A 629 -1.25 -8.14 -19.70
N LYS A 630 -1.73 -7.45 -18.65
CA LYS A 630 -0.87 -6.63 -17.80
C LYS A 630 -0.07 -5.64 -18.62
N LYS A 631 -0.80 -4.79 -19.34
CA LYS A 631 -0.19 -3.82 -20.25
C LYS A 631 0.30 -2.60 -19.46
N GLU A 632 1.32 -2.86 -18.63
CA GLU A 632 2.12 -1.82 -17.98
C GLU A 632 1.24 -0.76 -17.31
N ASN A 633 0.22 -1.21 -16.59
CA ASN A 633 -0.74 -0.26 -16.04
C ASN A 633 -1.31 -0.77 -14.73
N ARG A 634 -1.78 0.18 -13.92
CA ARG A 634 -2.61 -0.03 -12.75
C ARG A 634 -1.89 -0.62 -11.55
N TRP A 635 -0.56 -0.78 -11.61
CA TRP A 635 0.17 -1.08 -10.38
C TRP A 635 0.45 0.20 -9.59
N PHE A 636 1.15 1.15 -10.21
CA PHE A 636 1.45 2.42 -9.57
C PHE A 636 0.17 3.11 -9.12
N ILE A 637 -0.77 3.31 -10.05
CA ILE A 637 -1.96 4.10 -9.76
C ILE A 637 -2.60 3.64 -8.47
N GLN A 638 -2.89 2.34 -8.37
CA GLN A 638 -3.35 1.78 -7.10
C GLN A 638 -2.50 2.28 -5.95
N GLY A 639 -1.18 2.18 -6.07
CA GLY A 639 -0.31 2.61 -4.99
C GLY A 639 -0.53 4.06 -4.61
N LEU A 640 -0.63 4.93 -5.62
CA LEU A 640 -0.85 6.35 -5.34
C LEU A 640 -2.16 6.56 -4.61
N HIS A 641 -3.23 5.92 -5.08
CA HIS A 641 -4.51 6.07 -4.41
C HIS A 641 -4.44 5.50 -3.00
N LYS A 642 -3.78 4.34 -2.85
CA LYS A 642 -3.64 3.76 -1.52
C LYS A 642 -2.80 4.64 -0.61
N ALA A 643 -1.71 5.21 -1.13
CA ALA A 643 -0.87 6.06 -0.30
C ALA A 643 -1.65 7.29 0.18
N PHE A 644 -2.47 7.88 -0.69
CA PHE A 644 -3.30 9.00 -0.29
C PHE A 644 -4.34 8.58 0.74
N SER A 645 -5.10 7.53 0.45
CA SER A 645 -6.12 7.07 1.38
C SER A 645 -5.51 6.78 2.75
N ASP A 646 -4.22 6.48 2.80
CA ASP A 646 -3.54 6.36 4.08
C ASP A 646 -3.05 7.71 4.59
N LEU A 647 -2.70 8.63 3.70
CA LEU A 647 -2.49 10.01 4.10
C LEU A 647 -3.68 10.55 4.86
N ARG A 648 -4.87 10.00 4.58
CA ARG A 648 -6.08 10.44 5.25
C ARG A 648 -6.00 10.23 6.76
N THR A 649 -5.51 9.07 7.19
CA THR A 649 -5.61 8.68 8.59
C THR A 649 -4.34 8.94 9.38
N HIS A 650 -3.16 8.80 8.78
CA HIS A 650 -1.92 9.01 9.52
C HIS A 650 -1.80 10.44 10.03
N ARG A 651 -2.17 11.42 9.22
CA ARG A 651 -1.98 12.82 9.56
C ARG A 651 -3.28 13.61 9.59
N SER A 652 -4.41 12.92 9.70
CA SER A 652 -5.72 13.55 9.88
C SER A 652 -6.12 14.46 8.74
N PHE A 653 -5.44 14.40 7.61
CA PHE A 653 -5.80 15.28 6.49
C PHE A 653 -7.19 14.94 5.97
N TYR A 654 -7.86 15.96 5.44
CA TYR A 654 -9.06 15.74 4.63
C TYR A 654 -8.66 15.28 3.24
N VAL A 655 -9.42 14.35 2.68
CA VAL A 655 -9.22 13.90 1.32
C VAL A 655 -10.58 13.87 0.62
N PHE A 656 -10.59 14.28 -0.65
CA PHE A 656 -11.81 14.38 -1.44
C PHE A 656 -11.72 13.45 -2.64
N GLU A 657 -12.70 12.57 -2.79
CA GLU A 657 -12.81 11.69 -3.95
C GLU A 657 -13.98 12.16 -4.80
N VAL A 658 -13.70 12.53 -6.04
CA VAL A 658 -14.70 12.97 -7.00
C VAL A 658 -14.54 12.15 -8.27
N ARG A 659 -15.65 11.68 -8.82
CA ARG A 659 -15.59 10.66 -9.86
C ARG A 659 -14.85 11.22 -11.09
N PRO A 660 -13.83 10.51 -11.60
CA PRO A 660 -13.07 11.06 -12.73
C PRO A 660 -13.86 11.20 -14.02
N GLU A 661 -14.66 10.20 -14.37
CA GLU A 661 -14.94 9.86 -15.76
C GLU A 661 -15.19 11.08 -16.63
N ARG A 662 -16.17 11.90 -16.28
CA ARG A 662 -16.44 13.10 -17.06
C ARG A 662 -15.29 14.09 -16.94
N THR A 663 -14.76 14.26 -15.72
CA THR A 663 -13.90 15.40 -15.39
C THR A 663 -12.89 15.75 -16.49
N SER A 664 -12.14 14.77 -16.97
CA SER A 664 -10.99 15.06 -17.81
C SER A 664 -11.32 15.47 -19.24
N ILE A 665 -12.60 15.60 -19.62
CA ILE A 665 -12.93 15.83 -21.02
C ILE A 665 -13.86 17.02 -21.21
N THR A 666 -14.04 17.83 -20.16
CA THR A 666 -14.74 19.10 -20.23
C THR A 666 -13.75 20.25 -20.00
N CYS A 667 -14.24 21.49 -19.97
CA CYS A 667 -13.39 22.58 -19.50
C CYS A 667 -14.28 23.68 -18.93
N PRO A 668 -13.71 24.59 -18.16
CA PRO A 668 -14.47 25.74 -17.66
C PRO A 668 -14.83 26.76 -18.74
N LYS A 669 -13.92 27.07 -19.67
CA LYS A 669 -14.22 28.13 -20.63
C LYS A 669 -15.50 27.83 -21.37
N CYS A 670 -15.72 26.56 -21.76
CA CYS A 670 -16.95 26.19 -22.42
C CYS A 670 -17.46 24.88 -21.82
N GLY A 671 -18.79 24.75 -21.78
CA GLY A 671 -19.39 23.54 -21.28
C GLY A 671 -19.15 22.36 -22.21
N HIS A 672 -19.26 22.59 -23.53
CA HIS A 672 -19.22 21.53 -24.52
C HIS A 672 -18.12 20.53 -24.21
N CYS A 673 -18.49 19.24 -24.28
CA CYS A 673 -17.64 18.15 -23.80
C CYS A 673 -17.61 17.00 -24.80
N GLU A 674 -17.49 17.30 -26.08
CA GLU A 674 -17.43 16.25 -27.08
C GLU A 674 -16.31 15.28 -26.75
N VAL A 675 -16.57 13.98 -26.92
CA VAL A 675 -15.63 12.98 -26.46
C VAL A 675 -14.39 12.91 -27.34
N GLY A 676 -14.43 13.46 -28.55
CA GLY A 676 -13.31 13.43 -29.45
C GLY A 676 -12.33 14.57 -29.29
N ASN A 677 -12.61 15.52 -28.41
CA ASN A 677 -11.74 16.68 -28.24
C ASN A 677 -10.36 16.34 -27.70
N ARG A 678 -10.15 15.12 -27.21
CA ARG A 678 -8.95 14.79 -26.46
C ARG A 678 -8.13 13.75 -27.23
N ASP A 679 -6.92 14.16 -27.65
CA ASP A 679 -5.98 13.21 -28.23
C ASP A 679 -5.51 12.20 -27.21
N GLY A 680 -5.25 12.66 -25.99
CA GLY A 680 -4.65 11.84 -24.96
C GLY A 680 -3.56 12.60 -24.24
N GLU A 681 -2.89 13.51 -24.96
CA GLU A 681 -1.98 14.46 -24.34
C GLU A 681 -2.24 15.90 -24.74
N ALA A 682 -3.14 16.18 -25.68
CA ALA A 682 -3.55 17.54 -25.99
C ALA A 682 -5.06 17.65 -25.88
N PHE A 683 -5.53 18.62 -25.09
CA PHE A 683 -6.95 18.89 -24.92
C PHE A 683 -7.39 20.04 -25.81
N GLN A 684 -7.54 19.75 -27.11
CA GLN A 684 -8.05 20.71 -28.08
C GLN A 684 -9.56 20.84 -27.95
N CYS A 685 -10.03 21.98 -27.42
CA CYS A 685 -11.45 22.31 -27.53
C CYS A 685 -11.83 22.50 -28.99
N LEU A 686 -13.08 22.13 -29.31
CA LEU A 686 -13.63 22.31 -30.64
C LEU A 686 -14.62 23.47 -30.69
N SER A 687 -14.77 24.22 -29.60
CA SER A 687 -15.46 25.51 -29.59
C SER A 687 -14.53 26.68 -29.28
N CYS A 688 -13.79 26.61 -28.18
CA CYS A 688 -12.86 27.66 -27.77
C CYS A 688 -11.45 27.19 -28.10
N GLY A 689 -11.00 27.46 -29.32
CA GLY A 689 -9.76 26.89 -29.79
C GLY A 689 -8.61 27.17 -28.84
N LYS A 690 -8.04 26.10 -28.29
CA LYS A 690 -7.12 26.20 -27.16
C LYS A 690 -6.25 24.97 -27.15
N THR A 691 -5.01 25.12 -26.68
CA THR A 691 -4.08 24.01 -26.58
C THR A 691 -3.60 23.92 -25.14
N CYS A 692 -3.80 22.77 -24.52
CA CYS A 692 -3.33 22.51 -23.17
C CYS A 692 -2.83 21.08 -23.08
N ASN A 693 -1.96 20.83 -22.11
CA ASN A 693 -1.69 19.47 -21.67
C ASN A 693 -2.93 18.94 -20.95
N ALA A 694 -3.64 18.00 -21.58
CA ALA A 694 -4.94 17.59 -21.05
C ALA A 694 -4.85 17.22 -19.58
N ASP A 695 -3.76 16.54 -19.18
CA ASP A 695 -3.59 16.18 -17.77
C ASP A 695 -3.22 17.39 -16.93
N LEU A 696 -2.12 18.06 -17.28
CA LEU A 696 -1.47 18.97 -16.35
C LEU A 696 -2.33 20.18 -16.02
N ASP A 697 -3.02 20.76 -17.00
CA ASP A 697 -3.68 22.04 -16.81
C ASP A 697 -5.20 21.96 -16.81
N VAL A 698 -5.81 21.32 -17.79
CA VAL A 698 -7.26 21.29 -17.86
C VAL A 698 -7.83 20.26 -16.89
N ALA A 699 -7.23 19.07 -16.82
CA ALA A 699 -7.80 18.00 -16.02
C ALA A 699 -7.81 18.36 -14.55
N THR A 700 -6.72 18.96 -14.05
CA THR A 700 -6.68 19.30 -12.64
C THR A 700 -7.60 20.48 -12.34
N HIS A 701 -7.60 21.49 -13.21
CA HIS A 701 -8.53 22.61 -13.05
C HIS A 701 -9.97 22.12 -12.92
N ASN A 702 -10.35 21.13 -13.72
CA ASN A 702 -11.73 20.66 -13.69
C ASN A 702 -12.00 19.81 -12.45
N LEU A 703 -11.03 19.03 -11.99
CA LEU A 703 -11.20 18.29 -10.75
C LEU A 703 -11.49 19.23 -9.59
N THR A 704 -10.76 20.34 -9.52
CA THR A 704 -11.06 21.36 -8.54
C THR A 704 -12.45 21.94 -8.76
N GLN A 705 -12.84 22.10 -10.02
CA GLN A 705 -14.12 22.71 -10.33
C GLN A 705 -15.28 21.84 -9.87
N VAL A 706 -15.20 20.53 -10.13
CA VAL A 706 -16.19 19.60 -9.62
C VAL A 706 -16.03 19.34 -8.13
N ALA A 707 -14.94 19.85 -7.55
CA ALA A 707 -14.75 19.73 -6.11
C ALA A 707 -15.52 20.83 -5.37
N LEU A 708 -15.34 22.09 -5.78
CA LEU A 708 -15.94 23.19 -5.04
C LEU A 708 -17.46 23.03 -4.93
N THR A 709 -18.07 22.34 -5.88
CA THR A 709 -19.48 21.99 -5.80
C THR A 709 -19.61 20.49 -5.86
N GLY A 710 -20.50 19.93 -5.04
CA GLY A 710 -20.61 18.49 -4.96
C GLY A 710 -21.22 17.88 -6.20
N LYS A 711 -22.01 18.64 -6.92
CA LYS A 711 -22.62 18.14 -8.15
C LYS A 711 -21.54 17.86 -9.18
N THR A 712 -21.59 16.68 -9.78
CA THR A 712 -20.77 16.42 -10.96
C THR A 712 -21.29 17.26 -12.11
N MET A 713 -20.41 17.55 -13.06
CA MET A 713 -20.79 18.47 -14.12
C MET A 713 -21.98 17.90 -14.89
N PRO A 714 -22.92 18.74 -15.32
CA PRO A 714 -24.04 18.25 -16.12
C PRO A 714 -23.58 17.75 -17.48
N LYS A 715 -24.33 16.82 -18.04
CA LYS A 715 -24.02 16.21 -19.33
C LYS A 715 -25.12 16.55 -20.32
N ARG A 716 -24.74 17.24 -21.39
CA ARG A 716 -25.68 17.64 -22.44
C ARG A 716 -27.01 18.13 -21.86
#